data_2OW3
#
_entry.id   2OW3
#
_cell.length_a   69.472
_cell.length_b   117.329
_cell.length_c   69.461
_cell.angle_alpha   90.00
_cell.angle_beta   103.22
_cell.angle_gamma   90.00
#
_symmetry.space_group_name_H-M   'P 1 21 1'
#
loop_
_entity.id
_entity.type
_entity.pdbx_description
1 polymer 'Glycogen synthase kinase-3 beta'
2 non-polymer 'BIS-(INDOLE)MALEIMIDE PYRIDINOPHANE'
3 water water
#
_entity_poly.entity_id   1
_entity_poly.type   'polypeptide(L)'
_entity_poly.pdbx_seq_one_letter_code
;SKVTTVVATPGQGPDRPQEVSYTDTKVIGNGSFGVVYQAKLCDSGELVAIKKVLQDKRFKNRELQIMRKLDHCNIVRLRY
FFYSSGEKKDEVYLNLVLDYVPETVYRVARHYSRAKQTLPVIYVKLYMYQLFRSLAYIHSFGICHRDIKPQNLLLDPDTA
VLKLCDFGSAKQLVRGEPNVS(PTR)ICSRYYRAPELIFGATDYTSSIDVWSAGCVLAELLLGQPIFPGDSGVDQLVEII
KVLGTPTREQIREMNPNYTEFKFPQIKAHPWTKVFRPRTPPEAIALCSRLLEYTPTARLTPLEACAHSFFDELRDPNVKL
PNGRDTPALFNFTTQELSSNPPLATILIPPHARIQA
;
_entity_poly.pdbx_strand_id   A,B
#
loop_
_chem_comp.id
_chem_comp.type
_chem_comp.name
_chem_comp.formula
BIM non-polymer 'BIS-(INDOLE)MALEIMIDE PYRIDINOPHANE' 'C34 H33 N5 O2'
#
# COMPACT_ATOMS: atom_id res chain seq x y z
N SER A 1 -81.13 30.27 7.08
CA SER A 1 -82.24 29.33 7.44
C SER A 1 -82.21 28.04 6.61
N LYS A 2 -81.03 27.46 6.44
CA LYS A 2 -80.88 26.17 5.75
C LYS A 2 -80.91 25.06 6.80
N VAL A 3 -82.13 24.64 7.15
CA VAL A 3 -82.34 23.74 8.28
C VAL A 3 -82.07 22.29 7.90
N THR A 4 -81.08 21.69 8.57
CA THR A 4 -80.87 20.24 8.50
C THR A 4 -81.85 19.59 9.47
N THR A 5 -82.33 18.40 9.11
CA THR A 5 -83.27 17.64 9.93
C THR A 5 -82.87 16.18 9.96
N VAL A 6 -82.52 15.68 11.14
CA VAL A 6 -82.16 14.27 11.32
C VAL A 6 -83.00 13.62 12.42
N VAL A 7 -82.90 12.29 12.49
CA VAL A 7 -83.51 11.51 13.56
C VAL A 7 -82.37 11.12 14.52
N ALA A 8 -82.52 11.44 15.81
CA ALA A 8 -81.40 11.33 16.75
C ALA A 8 -81.73 10.66 18.09
N THR A 9 -80.85 9.77 18.51
CA THR A 9 -81.03 8.93 19.71
C THR A 9 -80.58 9.68 20.97
N PRO A 10 -81.50 9.89 21.94
CA PRO A 10 -81.12 10.57 23.19
C PRO A 10 -79.92 9.96 23.93
N GLY A 11 -79.19 10.81 24.64
CA GLY A 11 -77.89 10.46 25.20
C GLY A 11 -77.92 9.57 26.43
N GLN A 12 -78.76 9.92 27.40
CA GLN A 12 -78.80 9.15 28.66
C GLN A 12 -80.08 8.34 28.84
N GLY A 13 -81.16 8.72 28.15
CA GLY A 13 -82.46 8.05 28.30
C GLY A 13 -82.53 6.70 27.60
N PRO A 14 -83.76 6.17 27.43
CA PRO A 14 -83.92 4.91 26.70
C PRO A 14 -83.78 5.11 25.19
N ASP A 15 -83.49 4.03 24.48
CA ASP A 15 -83.14 4.09 23.05
C ASP A 15 -84.36 4.39 22.16
N ARG A 16 -84.72 5.66 22.06
CA ARG A 16 -85.94 6.09 21.37
C ARG A 16 -85.74 7.36 20.54
N PRO A 17 -85.32 7.21 19.27
CA PRO A 17 -85.09 8.32 18.35
C PRO A 17 -86.24 9.31 18.18
N GLN A 18 -85.88 10.61 18.10
CA GLN A 18 -86.81 11.70 17.81
C GLN A 18 -86.35 12.42 16.56
N GLU A 19 -87.17 13.33 16.05
CA GLU A 19 -86.76 14.21 14.97
C GLU A 19 -86.15 15.47 15.60
N VAL A 20 -85.04 15.93 15.03
CA VAL A 20 -84.35 17.12 15.54
C VAL A 20 -83.84 17.99 14.39
N SER A 21 -84.02 19.30 14.51
CA SER A 21 -83.62 20.23 13.45
C SER A 21 -82.80 21.39 14.00
N TYR A 22 -81.85 21.84 13.19
CA TYR A 22 -80.88 22.83 13.61
C TYR A 22 -80.33 23.56 12.38
N THR A 23 -79.60 24.65 12.62
CA THR A 23 -79.01 25.45 11.53
C THR A 23 -77.80 26.27 12.01
N ASP A 24 -77.24 27.08 11.12
CA ASP A 24 -76.02 27.89 11.39
C ASP A 24 -74.78 27.00 11.53
N THR A 25 -74.68 26.01 10.66
CA THR A 25 -73.58 25.04 10.69
C THR A 25 -72.30 25.68 10.18
N LYS A 26 -71.45 26.12 11.11
CA LYS A 26 -70.09 26.56 10.80
C LYS A 26 -69.10 25.73 11.61
N VAL A 27 -67.88 25.61 11.11
CA VAL A 27 -66.83 24.84 11.76
C VAL A 27 -66.15 25.69 12.84
N ILE A 28 -65.92 25.09 14.00
CA ILE A 28 -65.21 25.77 15.09
C ILE A 28 -63.86 25.15 15.39
N GLY A 29 -63.65 23.90 14.94
CA GLY A 29 -62.43 23.17 15.23
C GLY A 29 -62.19 22.03 14.27
N ASN A 30 -60.94 21.58 14.23
CA ASN A 30 -60.50 20.57 13.25
C ASN A 30 -59.06 20.20 13.59
N GLY A 31 -58.89 19.03 14.22
CA GLY A 31 -57.57 18.66 14.71
C GLY A 31 -57.48 17.19 15.10
N SER A 32 -56.62 16.90 16.07
CA SER A 32 -56.43 15.54 16.58
C SER A 32 -57.70 15.01 17.24
N PHE A 33 -58.38 15.90 17.96
CA PHE A 33 -59.63 15.58 18.65
C PHE A 33 -60.79 15.22 17.71
N GLY A 34 -60.70 15.63 16.45
CA GLY A 34 -61.72 15.28 15.44
C GLY A 34 -62.15 16.51 14.66
N VAL A 35 -63.45 16.58 14.33
CA VAL A 35 -64.02 17.70 13.57
C VAL A 35 -65.31 18.19 14.23
N VAL A 36 -65.31 19.45 14.66
CA VAL A 36 -66.42 20.01 15.42
C VAL A 36 -67.05 21.24 14.73
N TYR A 37 -68.39 21.26 14.69
CA TYR A 37 -69.16 22.40 14.18
C TYR A 37 -69.92 23.05 15.32
N GLN A 38 -70.14 24.36 15.23
CA GLN A 38 -71.13 25.03 16.07
C GLN A 38 -72.46 24.96 15.35
N ALA A 39 -73.55 24.91 16.11
CA ALA A 39 -74.89 24.88 15.53
C ALA A 39 -75.94 25.38 16.51
N LYS A 40 -77.13 25.66 15.97
CA LYS A 40 -78.22 26.29 16.71
C LYS A 40 -79.50 25.45 16.63
N LEU A 41 -80.09 25.13 17.78
CA LEU A 41 -81.31 24.32 17.81
C LEU A 41 -82.54 25.16 17.40
N CYS A 42 -83.18 24.77 16.30
CA CYS A 42 -84.35 25.48 15.78
C CYS A 42 -85.39 25.77 16.85
N ASP A 43 -85.77 24.73 17.60
CA ASP A 43 -86.84 24.86 18.60
C ASP A 43 -86.48 25.81 19.74
N SER A 44 -85.45 25.46 20.51
CA SER A 44 -85.13 26.18 21.75
C SER A 44 -84.39 27.48 21.49
N GLY A 45 -83.48 27.45 20.53
CA GLY A 45 -82.55 28.56 20.27
C GLY A 45 -81.18 28.30 20.85
N GLU A 46 -81.07 27.28 21.71
CA GLU A 46 -79.81 26.92 22.38
C GLU A 46 -78.71 26.58 21.38
N LEU A 47 -77.46 26.64 21.85
CA LEU A 47 -76.28 26.35 21.03
C LEU A 47 -75.73 24.97 21.30
N VAL A 48 -75.03 24.40 20.32
CA VAL A 48 -74.46 23.06 20.44
C VAL A 48 -73.14 22.91 19.69
N ALA A 49 -72.39 21.86 20.04
CA ALA A 49 -71.20 21.45 19.31
C ALA A 49 -71.44 20.05 18.76
N ILE A 50 -71.01 19.80 17.52
CA ILE A 50 -71.28 18.51 16.84
C ILE A 50 -69.99 17.85 16.33
N LYS A 51 -69.56 16.80 17.02
CA LYS A 51 -68.34 16.11 16.61
C LYS A 51 -68.66 15.05 15.56
N LYS A 52 -67.80 14.95 14.54
CA LYS A 52 -68.04 14.11 13.37
C LYS A 52 -66.84 13.20 13.10
N VAL A 53 -67.08 11.91 12.93
CA VAL A 53 -66.01 10.93 12.78
C VAL A 53 -66.41 9.78 11.85
N LEU A 54 -65.48 9.37 10.99
CA LEU A 54 -65.66 8.15 10.21
C LEU A 54 -65.62 6.98 11.18
N GLN A 55 -66.67 6.16 11.16
CA GLN A 55 -66.84 5.07 12.13
C GLN A 55 -66.82 3.70 11.44
N ASP A 56 -65.95 2.81 11.93
CA ASP A 56 -65.83 1.45 11.41
C ASP A 56 -67.11 0.65 11.60
N LYS A 57 -68.00 0.75 10.60
CA LYS A 57 -69.34 0.11 10.61
C LYS A 57 -69.41 -1.16 11.45
N ARG A 58 -68.44 -2.04 11.27
CA ARG A 58 -68.38 -3.30 12.00
C ARG A 58 -67.65 -3.17 13.34
N PHE A 59 -68.12 -2.27 14.20
CA PHE A 59 -67.54 -2.09 15.55
C PHE A 59 -68.26 -1.03 16.39
N LYS A 60 -68.23 -1.25 17.71
CA LYS A 60 -68.68 -0.26 18.72
C LYS A 60 -67.81 1.01 18.67
N ASN A 61 -68.16 1.99 19.51
CA ASN A 61 -67.38 3.23 19.66
C ASN A 61 -67.07 3.51 21.12
N ARG A 62 -65.80 3.71 21.45
CA ARG A 62 -65.35 3.81 22.83
C ARG A 62 -65.73 5.14 23.50
N GLU A 63 -65.78 6.22 22.71
CA GLU A 63 -66.17 7.54 23.21
C GLU A 63 -67.68 7.63 23.46
N LEU A 64 -68.46 7.18 22.48
CA LEU A 64 -69.91 7.23 22.59
C LEU A 64 -70.37 6.45 23.81
N GLN A 65 -69.92 5.21 23.94
CA GLN A 65 -70.39 4.32 25.01
C GLN A 65 -69.95 4.76 26.41
N ILE A 66 -68.87 5.53 26.49
CA ILE A 66 -68.47 6.12 27.77
C ILE A 66 -69.37 7.29 28.15
N MET A 67 -69.71 8.14 27.19
CA MET A 67 -70.51 9.33 27.49
C MET A 67 -71.98 9.02 27.81
N ARG A 68 -72.50 7.91 27.30
CA ARG A 68 -73.92 7.56 27.49
C ARG A 68 -74.28 7.11 28.90
N LYS A 69 -73.29 6.81 29.73
CA LYS A 69 -73.53 6.47 31.13
C LYS A 69 -73.20 7.63 32.08
N LEU A 70 -73.18 8.87 31.53
CA LEU A 70 -72.76 10.04 32.29
C LEU A 70 -73.83 11.13 32.33
N ASP A 71 -74.05 11.69 33.53
CA ASP A 71 -74.90 12.86 33.73
C ASP A 71 -74.42 13.61 34.97
N HIS A 72 -73.45 14.50 34.78
CA HIS A 72 -72.90 15.33 35.85
C HIS A 72 -72.80 16.75 35.30
N CYS A 73 -73.06 17.74 36.15
CA CYS A 73 -73.14 19.13 35.70
C CYS A 73 -71.77 19.80 35.61
N ASN A 74 -70.71 19.08 35.99
CA ASN A 74 -69.33 19.48 35.72
C ASN A 74 -68.72 18.66 34.59
N ILE A 75 -69.59 17.99 33.83
CA ILE A 75 -69.18 17.21 32.66
C ILE A 75 -70.08 17.59 31.50
N VAL A 76 -69.49 17.91 30.36
CA VAL A 76 -70.26 18.37 29.22
C VAL A 76 -71.28 17.29 28.83
N ARG A 77 -72.55 17.66 28.77
CA ARG A 77 -73.64 16.72 28.56
C ARG A 77 -73.78 16.34 27.09
N LEU A 78 -73.92 15.04 26.84
CA LEU A 78 -74.27 14.51 25.52
C LEU A 78 -75.78 14.50 25.42
N ARG A 79 -76.31 15.26 24.46
CA ARG A 79 -77.76 15.37 24.27
C ARG A 79 -78.29 14.26 23.35
N TYR A 80 -77.68 14.13 22.17
CA TYR A 80 -78.11 13.14 21.19
C TYR A 80 -76.92 12.63 20.39
N PHE A 81 -77.12 11.54 19.67
CA PHE A 81 -76.18 11.08 18.64
C PHE A 81 -76.94 10.46 17.46
N PHE A 82 -76.30 10.44 16.29
CA PHE A 82 -76.90 9.91 15.06
C PHE A 82 -75.84 9.68 13.99
N TYR A 83 -76.23 9.05 12.89
CA TYR A 83 -75.29 8.71 11.83
C TYR A 83 -75.64 9.45 10.54
N SER A 84 -74.77 9.34 9.54
CA SER A 84 -74.99 9.98 8.25
C SER A 84 -74.04 9.44 7.18
N LYS A 89 -64.75 10.30 2.22
CA LYS A 89 -65.85 10.37 3.26
C LYS A 89 -66.98 9.40 2.96
N ASP A 90 -67.23 9.16 1.68
CA ASP A 90 -68.36 8.38 1.16
C ASP A 90 -69.35 7.78 2.17
N GLU A 91 -68.90 6.83 2.99
CA GLU A 91 -69.83 6.02 3.81
C GLU A 91 -69.69 6.14 5.33
N VAL A 92 -70.85 6.17 6.00
CA VAL A 92 -71.03 6.12 7.48
C VAL A 92 -70.13 7.00 8.39
N TYR A 93 -70.70 8.10 8.86
CA TYR A 93 -70.11 8.92 9.92
C TYR A 93 -70.93 8.82 11.21
N LEU A 94 -70.28 9.02 12.35
CA LEU A 94 -70.98 9.16 13.64
C LEU A 94 -71.00 10.62 14.06
N ASN A 95 -72.14 11.06 14.59
CA ASN A 95 -72.31 12.43 15.07
C ASN A 95 -72.71 12.43 16.55
N LEU A 96 -72.16 13.38 17.32
CA LEU A 96 -72.48 13.54 18.75
C LEU A 96 -72.89 14.98 19.01
N VAL A 97 -74.11 15.20 19.49
CA VAL A 97 -74.58 16.55 19.81
C VAL A 97 -74.37 16.88 21.29
N LEU A 98 -73.61 17.96 21.53
CA LEU A 98 -73.07 18.31 22.85
C LEU A 98 -73.45 19.73 23.24
N ASP A 99 -73.58 19.96 24.55
CA ASP A 99 -73.78 21.30 25.11
C ASP A 99 -72.64 22.21 24.67
N TYR A 100 -72.97 23.45 24.29
CA TYR A 100 -71.94 24.43 23.88
C TYR A 100 -71.51 25.36 25.02
N VAL A 101 -70.21 25.63 25.11
CA VAL A 101 -69.65 26.59 26.07
C VAL A 101 -68.51 27.36 25.38
N PRO A 102 -68.51 28.70 25.45
CA PRO A 102 -67.58 29.47 24.59
C PRO A 102 -66.14 29.67 25.11
N GLU A 103 -65.97 29.80 26.42
CA GLU A 103 -64.63 30.03 27.02
C GLU A 103 -64.01 28.77 27.64
N THR A 104 -62.69 28.81 27.82
CA THR A 104 -61.90 27.74 28.48
C THR A 104 -61.07 28.32 29.63
N VAL A 105 -60.58 27.48 30.53
CA VAL A 105 -59.68 27.93 31.60
C VAL A 105 -58.33 28.37 31.04
N TYR A 106 -57.80 27.64 30.07
CA TYR A 106 -56.55 27.98 29.40
C TYR A 106 -56.56 29.42 28.88
N ARG A 107 -57.57 29.74 28.06
CA ARG A 107 -57.77 31.10 27.54
C ARG A 107 -57.75 32.17 28.63
N VAL A 108 -58.44 31.90 29.73
CA VAL A 108 -58.58 32.88 30.82
C VAL A 108 -57.25 33.06 31.55
N ALA A 109 -56.55 31.94 31.79
CA ALA A 109 -55.23 31.99 32.43
C ALA A 109 -54.25 32.79 31.58
N ARG A 110 -54.24 32.46 30.28
CA ARG A 110 -53.44 33.15 29.27
C ARG A 110 -53.58 34.67 29.29
N HIS A 111 -54.81 35.17 29.48
CA HIS A 111 -55.07 36.62 29.48
C HIS A 111 -54.40 37.35 30.64
N TYR A 112 -54.52 36.79 31.85
CA TYR A 112 -53.88 37.36 33.04
C TYR A 112 -52.36 37.34 32.91
N SER A 113 -51.83 36.24 32.40
CA SER A 113 -50.38 36.01 32.32
C SER A 113 -49.65 37.01 31.42
N ARG A 114 -50.05 37.11 30.15
CA ARG A 114 -49.35 37.97 29.20
C ARG A 114 -49.47 39.47 29.51
N ALA A 115 -50.46 39.84 30.31
CA ALA A 115 -50.57 41.20 30.82
C ALA A 115 -49.84 41.38 32.17
N LYS A 116 -49.05 40.38 32.56
CA LYS A 116 -48.28 40.42 33.81
C LYS A 116 -49.16 40.68 35.03
N GLN A 117 -50.07 39.75 35.30
CA GLN A 117 -51.00 39.80 36.45
C GLN A 117 -51.37 38.38 36.88
N THR A 118 -51.54 38.16 38.18
CA THR A 118 -51.86 36.82 38.69
C THR A 118 -53.38 36.58 38.75
N LEU A 119 -53.77 35.31 38.56
CA LEU A 119 -55.16 34.90 38.70
C LEU A 119 -55.57 34.96 40.17
N PRO A 120 -56.57 35.79 40.51
CA PRO A 120 -57.04 35.86 41.89
C PRO A 120 -57.34 34.48 42.45
N VAL A 121 -56.97 34.25 43.70
CA VAL A 121 -56.98 32.90 44.28
C VAL A 121 -58.39 32.32 44.38
N ILE A 122 -59.41 33.17 44.48
CA ILE A 122 -60.78 32.68 44.57
C ILE A 122 -61.13 31.82 43.34
N TYR A 123 -60.70 32.27 42.15
CA TYR A 123 -60.96 31.55 40.92
C TYR A 123 -60.18 30.25 40.85
N VAL A 124 -59.01 30.23 41.47
CA VAL A 124 -58.20 29.01 41.60
C VAL A 124 -58.97 27.97 42.43
N LYS A 125 -59.55 28.41 43.55
CA LYS A 125 -60.32 27.52 44.43
C LYS A 125 -61.54 26.93 43.73
N LEU A 126 -62.34 27.81 43.11
CA LEU A 126 -63.54 27.39 42.37
C LEU A 126 -63.22 26.32 41.33
N TYR A 127 -62.23 26.61 40.49
CA TYR A 127 -61.95 25.76 39.32
C TYR A 127 -61.45 24.35 39.66
N MET A 128 -60.52 24.24 40.60
CA MET A 128 -59.95 22.92 40.96
C MET A 128 -60.97 22.05 41.70
N TYR A 129 -61.69 22.65 42.66
CA TYR A 129 -62.76 21.95 43.37
C TYR A 129 -63.72 21.26 42.39
N GLN A 130 -64.25 22.04 41.45
CA GLN A 130 -65.18 21.52 40.43
C GLN A 130 -64.55 20.45 39.55
N LEU A 131 -63.24 20.54 39.32
CA LEU A 131 -62.49 19.53 38.58
C LEU A 131 -62.35 18.23 39.40
N PHE A 132 -61.81 18.33 40.61
CA PHE A 132 -61.73 17.17 41.51
C PHE A 132 -63.09 16.49 41.65
N ARG A 133 -64.15 17.28 41.76
CA ARG A 133 -65.51 16.73 41.73
C ARG A 133 -65.75 15.91 40.46
N SER A 134 -65.39 16.48 39.31
CA SER A 134 -65.68 15.84 38.02
C SER A 134 -64.90 14.55 37.90
N LEU A 135 -63.66 14.56 38.39
CA LEU A 135 -62.84 13.34 38.45
C LEU A 135 -63.45 12.26 39.35
N ALA A 136 -63.95 12.64 40.53
CA ALA A 136 -64.55 11.68 41.46
C ALA A 136 -65.74 10.92 40.88
N TYR A 137 -66.56 11.60 40.09
CA TYR A 137 -67.74 10.98 39.46
C TYR A 137 -67.38 9.93 38.42
N ILE A 138 -66.32 10.16 37.64
CA ILE A 138 -65.91 9.21 36.60
C ILE A 138 -65.05 8.07 37.16
N HIS A 139 -64.24 8.39 38.17
CA HIS A 139 -63.37 7.39 38.81
C HIS A 139 -64.17 6.32 39.57
N SER A 140 -65.38 6.66 40.00
CA SER A 140 -66.30 5.69 40.58
C SER A 140 -66.84 4.69 39.56
N PHE A 141 -66.38 4.75 38.31
CA PHE A 141 -66.75 3.79 37.28
C PHE A 141 -65.57 2.97 36.76
N GLY A 142 -64.35 3.42 37.06
CA GLY A 142 -63.15 2.85 36.43
C GLY A 142 -62.70 3.64 35.21
N ILE A 143 -63.55 4.56 34.75
CA ILE A 143 -63.27 5.39 33.60
C ILE A 143 -62.26 6.49 33.95
N CYS A 144 -61.10 6.43 33.32
CA CYS A 144 -59.98 7.38 33.48
C CYS A 144 -59.95 8.27 32.22
N HIS A 145 -59.76 9.58 32.39
CA HIS A 145 -59.82 10.54 31.29
C HIS A 145 -58.56 10.48 30.41
N ARG A 146 -57.40 10.47 31.07
CA ARG A 146 -56.10 10.37 30.39
C ARG A 146 -55.78 11.54 29.47
N ASP A 147 -56.36 12.71 29.78
CA ASP A 147 -56.02 13.95 29.09
C ASP A 147 -56.58 15.15 29.86
N ILE A 148 -56.15 15.27 31.11
CA ILE A 148 -56.45 16.43 31.93
C ILE A 148 -55.43 17.52 31.60
N LYS A 149 -55.91 18.72 31.26
CA LYS A 149 -55.07 19.91 30.99
C LYS A 149 -55.99 21.12 30.85
N PRO A 150 -55.45 22.34 30.94
CA PRO A 150 -56.30 23.54 30.90
C PRO A 150 -57.17 23.71 29.63
N GLN A 151 -56.69 23.25 28.48
CA GLN A 151 -57.46 23.37 27.23
C GLN A 151 -58.70 22.48 27.21
N ASN A 152 -58.73 21.45 28.04
CA ASN A 152 -59.91 20.57 28.18
C ASN A 152 -60.76 20.91 29.40
N LEU A 153 -60.67 22.17 29.87
CA LEU A 153 -61.53 22.67 30.96
C LEU A 153 -62.38 23.85 30.46
N LEU A 154 -63.60 23.56 30.01
CA LEU A 154 -64.55 24.59 29.56
C LEU A 154 -65.11 25.37 30.74
N LEU A 155 -65.47 26.63 30.50
CA LEU A 155 -65.72 27.58 31.57
C LEU A 155 -66.74 28.63 31.15
N ASP A 156 -67.73 28.87 31.99
CA ASP A 156 -68.65 30.01 31.85
C ASP A 156 -68.14 31.18 32.70
N PRO A 157 -67.84 32.32 32.06
CA PRO A 157 -67.12 33.40 32.75
C PRO A 157 -67.98 34.11 33.79
N ASP A 158 -69.23 34.37 33.43
CA ASP A 158 -70.13 35.18 34.25
C ASP A 158 -70.66 34.40 35.46
N THR A 159 -70.81 33.09 35.30
CA THR A 159 -71.35 32.23 36.36
C THR A 159 -70.28 31.51 37.17
N ALA A 160 -69.15 31.19 36.51
CA ALA A 160 -68.02 30.42 37.08
C ALA A 160 -68.14 28.90 36.96
N VAL A 161 -69.27 28.40 36.44
CA VAL A 161 -69.47 26.98 36.24
C VAL A 161 -68.47 26.44 35.21
N LEU A 162 -67.89 25.27 35.50
CA LEU A 162 -66.80 24.68 34.72
C LEU A 162 -67.16 23.26 34.33
N LYS A 163 -66.77 22.84 33.13
CA LYS A 163 -67.16 21.55 32.58
C LYS A 163 -66.04 20.85 31.79
N LEU A 164 -65.58 19.73 32.32
CA LEU A 164 -64.66 18.86 31.61
C LEU A 164 -65.21 18.39 30.24
N CYS A 165 -64.35 18.27 29.23
CA CYS A 165 -64.80 17.74 27.94
C CYS A 165 -63.73 16.92 27.26
N ASP A 166 -64.04 16.46 26.05
CA ASP A 166 -63.12 15.68 25.24
C ASP A 166 -62.77 14.37 25.93
N PHE A 167 -63.69 13.40 25.82
CA PHE A 167 -63.45 12.04 26.29
C PHE A 167 -62.98 11.13 25.15
N GLY A 168 -62.16 11.67 24.26
CA GLY A 168 -61.61 10.89 23.16
C GLY A 168 -60.56 9.90 23.62
N SER A 169 -59.77 10.31 24.61
CA SER A 169 -58.71 9.48 25.17
C SER A 169 -59.18 8.64 26.36
N ALA A 170 -60.39 8.88 26.86
CA ALA A 170 -60.85 8.20 28.07
C ALA A 170 -61.00 6.68 27.88
N LYS A 171 -60.73 5.93 28.96
CA LYS A 171 -60.82 4.47 28.93
C LYS A 171 -61.06 3.88 30.32
N GLN A 172 -61.80 2.78 30.34
CA GLN A 172 -62.13 2.05 31.57
C GLN A 172 -61.00 1.11 31.96
N LEU A 173 -60.32 1.41 33.07
CA LEU A 173 -59.15 0.65 33.50
C LEU A 173 -59.57 -0.63 34.21
N VAL A 174 -58.98 -1.75 33.79
CA VAL A 174 -59.27 -3.09 34.35
C VAL A 174 -57.99 -3.74 34.87
N ARG A 175 -58.02 -4.27 36.09
CA ARG A 175 -56.88 -4.99 36.65
C ARG A 175 -56.40 -6.09 35.71
N GLY A 176 -55.11 -6.06 35.37
CA GLY A 176 -54.48 -7.11 34.58
C GLY A 176 -54.35 -6.81 33.09
N GLU A 177 -55.27 -6.01 32.55
CA GLU A 177 -55.20 -5.65 31.14
C GLU A 177 -54.20 -4.51 30.93
N PRO A 178 -53.21 -4.70 30.03
CA PRO A 178 -52.24 -3.65 29.77
C PRO A 178 -52.81 -2.49 28.96
N ASN A 179 -52.25 -1.29 29.17
CA ASN A 179 -52.66 -0.07 28.49
C ASN A 179 -51.43 0.69 28.00
N VAL A 180 -51.57 1.46 26.92
CA VAL A 180 -50.44 2.22 26.35
C VAL A 180 -49.94 3.32 27.30
N SER A 181 -48.64 3.60 27.25
CA SER A 181 -48.00 4.51 28.20
C SER A 181 -47.72 5.92 27.65
N PTR A 182 -47.50 6.03 26.34
CA PTR A 182 -47.34 7.35 25.72
C PTR A 182 -48.73 7.94 25.49
O PTR A 182 -49.39 7.67 24.48
CB PTR A 182 -46.56 7.31 24.40
CG PTR A 182 -46.08 8.66 23.92
CD1 PTR A 182 -45.15 9.40 24.66
CD2 PTR A 182 -46.55 9.20 22.73
CE1 PTR A 182 -44.69 10.64 24.21
CE2 PTR A 182 -46.11 10.44 22.28
CZ PTR A 182 -45.19 11.16 23.03
OH PTR A 182 -44.80 12.24 22.58
P PTR A 182 -44.98 13.70 23.23
O1P PTR A 182 -43.77 13.97 24.05
O2P PTR A 182 -46.30 13.79 24.03
O3P PTR A 182 -45.03 14.75 22.12
N ILE A 183 -49.17 8.75 26.45
CA ILE A 183 -50.52 9.30 26.46
C ILE A 183 -50.58 10.55 27.37
N CYS A 184 -51.52 11.45 27.09
CA CYS A 184 -51.60 12.79 27.73
C CYS A 184 -50.57 13.74 27.14
N SER A 185 -50.85 15.04 27.24
CA SER A 185 -49.93 16.06 26.75
C SER A 185 -48.72 16.15 27.68
N ARG A 186 -47.56 16.37 27.08
CA ARG A 186 -46.27 16.21 27.73
C ARG A 186 -46.13 16.89 29.10
N TYR A 187 -46.52 18.16 29.19
CA TYR A 187 -46.31 18.92 30.43
C TYR A 187 -47.12 18.36 31.61
N TYR A 188 -48.19 17.62 31.28
CA TYR A 188 -49.10 17.10 32.29
C TYR A 188 -49.02 15.58 32.41
N ARG A 189 -47.93 14.99 31.90
CA ARG A 189 -47.74 13.53 31.92
C ARG A 189 -47.05 13.05 33.20
N ALA A 190 -47.68 12.09 33.89
CA ALA A 190 -47.17 11.53 35.14
C ALA A 190 -45.89 10.75 34.88
N PRO A 191 -44.99 10.66 35.88
CA PRO A 191 -43.69 10.05 35.66
C PRO A 191 -43.76 8.54 35.42
N GLU A 192 -44.77 7.85 35.96
CA GLU A 192 -44.90 6.41 35.71
C GLU A 192 -45.07 6.12 34.22
N LEU A 193 -45.91 6.91 33.55
CA LEU A 193 -46.11 6.80 32.11
C LEU A 193 -44.78 6.93 31.38
N ILE A 194 -44.03 7.97 31.72
CA ILE A 194 -42.69 8.20 31.17
C ILE A 194 -41.82 6.93 31.31
N PHE A 195 -41.81 6.35 32.52
CA PHE A 195 -41.00 5.17 32.81
C PHE A 195 -41.43 3.90 32.05
N GLY A 196 -42.58 3.95 31.38
CA GLY A 196 -43.06 2.83 30.55
C GLY A 196 -44.19 2.04 31.19
N ALA A 197 -44.68 2.52 32.34
CA ALA A 197 -45.69 1.81 33.14
C ALA A 197 -46.93 1.46 32.32
N THR A 198 -47.43 0.23 32.52
CA THR A 198 -48.48 -0.33 31.67
C THR A 198 -49.76 -0.71 32.40
N ASP A 199 -49.69 -0.88 33.71
CA ASP A 199 -50.87 -1.13 34.54
C ASP A 199 -51.00 -0.02 35.58
N TYR A 200 -51.04 1.22 35.08
CA TYR A 200 -51.21 2.41 35.92
C TYR A 200 -52.67 2.54 36.33
N THR A 201 -52.92 3.30 37.39
CA THR A 201 -54.26 3.53 37.90
C THR A 201 -54.80 4.91 37.47
N SER A 202 -56.04 5.20 37.84
CA SER A 202 -56.66 6.49 37.57
C SER A 202 -56.02 7.67 38.29
N SER A 203 -55.02 7.40 39.14
CA SER A 203 -54.32 8.46 39.87
C SER A 203 -53.42 9.31 38.94
N ILE A 204 -53.28 8.87 37.69
CA ILE A 204 -52.62 9.68 36.66
C ILE A 204 -53.41 10.95 36.31
N ASP A 205 -54.74 10.90 36.46
CA ASP A 205 -55.57 12.09 36.35
C ASP A 205 -55.26 13.10 37.47
N VAL A 206 -54.96 12.57 38.66
CA VAL A 206 -54.68 13.38 39.84
C VAL A 206 -53.33 14.11 39.75
N TRP A 207 -52.32 13.42 39.22
CA TRP A 207 -51.04 14.07 38.91
C TRP A 207 -51.31 15.27 38.01
N SER A 208 -51.92 15.01 36.86
CA SER A 208 -52.17 16.02 35.84
C SER A 208 -52.88 17.24 36.38
N ALA A 209 -53.92 17.03 37.20
CA ALA A 209 -54.63 18.14 37.85
C ALA A 209 -53.74 18.95 38.82
N GLY A 210 -52.72 18.30 39.37
CA GLY A 210 -51.72 18.99 40.19
C GLY A 210 -50.89 19.94 39.35
N CYS A 211 -50.43 19.44 38.20
CA CYS A 211 -49.70 20.28 37.23
C CYS A 211 -50.52 21.50 36.81
N VAL A 212 -51.84 21.36 36.79
CA VAL A 212 -52.73 22.45 36.44
C VAL A 212 -52.82 23.45 37.57
N LEU A 213 -52.87 22.96 38.81
CA LEU A 213 -52.90 23.79 40.00
C LEU A 213 -51.69 24.71 40.06
N ALA A 214 -50.49 24.13 40.01
CA ALA A 214 -49.25 24.91 40.11
C ALA A 214 -49.17 25.95 39.01
N GLU A 215 -49.57 25.56 37.81
CA GLU A 215 -49.62 26.47 36.67
C GLU A 215 -50.43 27.73 36.98
N LEU A 216 -51.59 27.54 37.59
CA LEU A 216 -52.48 28.66 37.94
C LEU A 216 -51.94 29.57 39.06
N LEU A 217 -50.87 29.14 39.74
CA LEU A 217 -50.21 29.97 40.75
C LEU A 217 -49.00 30.72 40.20
N LEU A 218 -48.26 30.09 39.29
CA LEU A 218 -47.04 30.66 38.71
C LEU A 218 -47.29 31.49 37.45
N GLY A 219 -48.43 31.28 36.81
CA GLY A 219 -48.70 31.90 35.51
C GLY A 219 -47.92 31.31 34.35
N GLN A 220 -47.47 30.07 34.50
CA GLN A 220 -46.80 29.33 33.40
C GLN A 220 -46.56 27.85 33.75
N PRO A 221 -46.43 26.98 32.73
CA PRO A 221 -46.27 25.54 32.98
C PRO A 221 -45.10 25.22 33.89
N ILE A 222 -45.32 24.36 34.89
CA ILE A 222 -44.30 24.03 35.88
C ILE A 222 -43.20 23.12 35.31
N PHE A 223 -43.57 22.10 34.54
CA PHE A 223 -42.60 21.20 33.90
C PHE A 223 -42.73 21.25 32.37
N PRO A 224 -42.09 22.23 31.71
CA PRO A 224 -42.08 22.24 30.24
C PRO A 224 -41.30 21.06 29.62
N GLY A 225 -40.00 21.22 29.36
CA GLY A 225 -39.24 20.15 28.71
C GLY A 225 -39.47 20.10 27.21
N ASP A 226 -38.40 19.87 26.45
CA ASP A 226 -38.43 19.98 24.99
C ASP A 226 -38.44 18.63 24.27
N SER A 227 -38.79 17.57 25.00
CA SER A 227 -38.94 16.23 24.43
C SER A 227 -39.51 15.30 25.48
N GLY A 228 -39.99 14.14 25.04
CA GLY A 228 -40.45 13.10 25.96
C GLY A 228 -39.37 12.73 26.97
N VAL A 229 -38.11 12.78 26.52
CA VAL A 229 -36.96 12.50 27.37
C VAL A 229 -36.70 13.65 28.37
N ASP A 230 -36.77 14.90 27.89
CA ASP A 230 -36.48 16.06 28.73
C ASP A 230 -37.57 16.36 29.75
N GLN A 231 -38.73 15.75 29.61
CA GLN A 231 -39.84 15.99 30.53
C GLN A 231 -39.55 15.49 31.96
N LEU A 232 -38.80 14.40 32.09
CA LEU A 232 -38.44 13.87 33.42
C LEU A 232 -37.28 14.65 34.04
N VAL A 233 -36.54 15.36 33.19
CA VAL A 233 -35.44 16.22 33.63
C VAL A 233 -35.97 17.46 34.33
N GLU A 234 -37.02 18.06 33.78
CA GLU A 234 -37.68 19.22 34.37
C GLU A 234 -38.37 18.87 35.69
N ILE A 235 -38.92 17.66 35.77
CA ILE A 235 -39.49 17.15 37.02
C ILE A 235 -38.41 16.96 38.09
N ILE A 236 -37.30 16.33 37.72
CA ILE A 236 -36.23 15.98 38.66
C ILE A 236 -35.62 17.22 39.32
N LYS A 237 -35.49 18.31 38.55
CA LYS A 237 -35.03 19.59 39.06
C LYS A 237 -35.75 19.98 40.35
N VAL A 238 -37.05 19.70 40.42
CA VAL A 238 -37.86 20.03 41.58
C VAL A 238 -37.83 18.91 42.64
N LEU A 239 -38.39 17.76 42.29
CA LEU A 239 -38.56 16.65 43.23
C LEU A 239 -37.27 15.83 43.45
N GLY A 240 -36.15 16.29 42.89
CA GLY A 240 -34.88 15.56 43.00
C GLY A 240 -34.94 14.26 42.23
N THR A 241 -33.94 13.41 42.46
CA THR A 241 -33.89 12.11 41.80
C THR A 241 -34.68 11.09 42.63
N PRO A 242 -35.52 10.28 41.97
CA PRO A 242 -36.30 9.30 42.72
C PRO A 242 -35.44 8.13 43.24
N THR A 243 -35.87 7.52 44.33
CA THR A 243 -35.18 6.37 44.89
C THR A 243 -35.54 5.13 44.10
N ARG A 244 -34.67 4.12 44.15
CA ARG A 244 -34.96 2.82 43.54
C ARG A 244 -36.31 2.30 44.05
N GLU A 245 -36.61 2.61 45.31
CA GLU A 245 -37.87 2.23 45.91
C GLU A 245 -39.03 2.98 45.26
N GLN A 246 -38.84 4.28 45.02
CA GLN A 246 -39.83 5.08 44.29
C GLN A 246 -39.97 4.61 42.84
N ILE A 247 -38.83 4.35 42.21
CA ILE A 247 -38.81 3.88 40.82
C ILE A 247 -39.47 2.50 40.68
N ARG A 248 -39.37 1.69 41.73
CA ARG A 248 -40.05 0.39 41.77
C ARG A 248 -41.56 0.58 41.78
N GLU A 249 -42.03 1.52 42.61
CA GLU A 249 -43.45 1.80 42.76
C GLU A 249 -44.07 2.23 41.42
N MET A 250 -43.35 3.05 40.67
CA MET A 250 -43.81 3.52 39.36
C MET A 250 -43.76 2.42 38.30
N ASN A 251 -42.60 1.76 38.18
CA ASN A 251 -42.42 0.67 37.22
C ASN A 251 -41.42 -0.40 37.72
N PRO A 252 -41.89 -1.65 37.92
CA PRO A 252 -40.97 -2.76 38.20
C PRO A 252 -40.22 -3.30 36.95
N ASN A 253 -39.72 -2.40 36.10
CA ASN A 253 -38.84 -2.77 34.98
C ASN A 253 -37.52 -1.97 34.95
N TYR A 254 -37.28 -1.15 35.98
CA TYR A 254 -36.04 -0.36 36.08
C TYR A 254 -35.26 -0.76 37.34
N THR A 255 -33.95 -0.93 37.19
CA THR A 255 -33.09 -1.29 38.30
C THR A 255 -31.91 -0.33 38.38
N GLU A 256 -31.48 0.18 37.23
CA GLU A 256 -30.34 1.08 37.17
C GLU A 256 -30.72 2.39 36.46
N PHE A 257 -30.31 3.50 37.04
CA PHE A 257 -30.73 4.82 36.57
C PHE A 257 -29.79 5.36 35.49
N LYS A 258 -30.32 6.26 34.66
CA LYS A 258 -29.56 6.83 33.55
C LYS A 258 -29.56 8.37 33.59
N PHE A 259 -29.01 8.92 34.67
CA PHE A 259 -28.92 10.37 34.83
C PHE A 259 -28.61 10.75 36.28
N PRO A 260 -27.45 11.38 36.49
CA PRO A 260 -26.85 11.75 37.78
C PRO A 260 -27.86 12.14 38.87
N GLN A 261 -27.42 12.02 40.12
CA GLN A 261 -28.26 12.28 41.30
C GLN A 261 -28.44 13.78 41.54
N ILE A 262 -29.67 14.19 41.84
CA ILE A 262 -30.00 15.57 42.21
C ILE A 262 -30.91 15.56 43.45
N LYS A 263 -30.78 16.60 44.27
CA LYS A 263 -31.58 16.73 45.49
C LYS A 263 -32.81 17.60 45.26
N ALA A 264 -33.80 17.45 46.14
CA ALA A 264 -35.10 18.09 45.96
C ALA A 264 -35.05 19.58 46.29
N HIS A 265 -35.44 20.39 45.32
CA HIS A 265 -35.64 21.83 45.50
C HIS A 265 -36.91 22.01 46.34
N PRO A 266 -36.85 22.82 47.42
CA PRO A 266 -37.98 22.88 48.36
C PRO A 266 -39.21 23.62 47.82
N TRP A 267 -40.38 23.23 48.30
CA TRP A 267 -41.66 23.74 47.77
C TRP A 267 -41.88 25.24 47.96
N THR A 268 -41.43 25.78 49.09
CA THR A 268 -41.68 27.19 49.42
C THR A 268 -41.01 28.13 48.42
N LYS A 269 -39.76 27.83 48.07
CA LYS A 269 -39.00 28.67 47.14
C LYS A 269 -39.06 28.15 45.70
N VAL A 270 -40.27 27.70 45.31
CA VAL A 270 -40.63 27.40 43.92
C VAL A 270 -41.63 28.45 43.43
N PHE A 271 -42.59 28.80 44.30
CA PHE A 271 -43.63 29.78 43.98
C PHE A 271 -43.19 31.21 44.35
N ARG A 272 -44.14 32.13 44.34
CA ARG A 272 -43.87 33.54 44.69
C ARG A 272 -43.99 33.68 46.22
N PRO A 273 -43.70 34.87 46.78
CA PRO A 273 -43.65 35.01 48.24
C PRO A 273 -45.00 34.94 48.97
N ARG A 274 -46.02 35.61 48.45
CA ARG A 274 -47.32 35.75 49.14
C ARG A 274 -48.27 34.55 48.99
N THR A 275 -47.80 33.47 48.37
CA THR A 275 -48.66 32.31 48.07
C THR A 275 -49.17 31.62 49.35
N PRO A 276 -50.47 31.27 49.40
CA PRO A 276 -51.04 30.64 50.60
C PRO A 276 -50.50 29.23 50.88
N PRO A 277 -50.27 28.89 52.17
CA PRO A 277 -49.63 27.61 52.54
C PRO A 277 -50.42 26.34 52.20
N GLU A 278 -51.74 26.43 52.10
CA GLU A 278 -52.58 25.27 51.80
C GLU A 278 -52.55 24.93 50.31
N ALA A 279 -52.42 25.96 49.46
CA ALA A 279 -52.19 25.76 48.04
C ALA A 279 -50.93 24.92 47.82
N ILE A 280 -49.89 25.24 48.59
CA ILE A 280 -48.61 24.55 48.50
C ILE A 280 -48.70 23.18 49.17
N ALA A 281 -49.39 23.10 50.30
CA ALA A 281 -49.56 21.83 51.01
C ALA A 281 -50.30 20.83 50.12
N LEU A 282 -51.37 21.30 49.49
CA LEU A 282 -52.18 20.48 48.58
C LEU A 282 -51.32 19.98 47.43
N CYS A 283 -50.64 20.92 46.77
CA CYS A 283 -49.78 20.65 45.63
C CYS A 283 -48.72 19.58 45.91
N SER A 284 -48.23 19.54 47.15
CA SER A 284 -47.28 18.51 47.59
C SER A 284 -47.91 17.12 47.65
N ARG A 285 -49.22 17.08 47.89
CA ARG A 285 -49.95 15.82 48.01
C ARG A 285 -50.41 15.28 46.64
N LEU A 286 -50.37 16.13 45.62
CA LEU A 286 -50.76 15.73 44.27
C LEU A 286 -49.53 15.28 43.48
N LEU A 287 -48.44 16.04 43.61
CA LEU A 287 -47.23 15.76 42.85
C LEU A 287 -46.25 14.93 43.67
N GLU A 288 -46.53 13.63 43.74
CA GLU A 288 -45.69 12.65 44.45
C GLU A 288 -45.26 11.59 43.47
N TYR A 289 -44.00 11.14 43.57
CA TYR A 289 -43.49 10.06 42.70
C TYR A 289 -44.29 8.76 42.86
N THR A 290 -44.73 8.48 44.09
CA THR A 290 -45.48 7.28 44.42
C THR A 290 -47.00 7.48 44.21
N PRO A 291 -47.59 6.79 43.22
CA PRO A 291 -49.04 6.85 42.95
C PRO A 291 -49.97 6.70 44.16
N THR A 292 -49.65 5.82 45.09
CA THR A 292 -50.53 5.56 46.23
C THR A 292 -50.47 6.65 47.32
N ALA A 293 -49.40 7.46 47.29
CA ALA A 293 -49.27 8.59 48.21
C ALA A 293 -50.09 9.80 47.77
N ARG A 294 -50.56 9.80 46.51
CA ARG A 294 -51.34 10.91 45.99
C ARG A 294 -52.77 10.81 46.50
N LEU A 295 -53.40 11.97 46.69
CA LEU A 295 -54.78 12.05 47.17
C LEU A 295 -55.77 11.43 46.19
N THR A 296 -56.96 11.12 46.69
CA THR A 296 -58.11 10.83 45.83
C THR A 296 -58.83 12.16 45.59
N PRO A 297 -59.55 12.28 44.45
CA PRO A 297 -60.30 13.48 44.12
C PRO A 297 -61.20 13.97 45.25
N LEU A 298 -61.94 13.06 45.87
CA LEU A 298 -62.84 13.40 46.96
C LEU A 298 -62.07 13.87 48.21
N GLU A 299 -60.95 13.21 48.49
CA GLU A 299 -60.06 13.67 49.56
C GLU A 299 -59.51 15.06 49.25
N ALA A 300 -59.26 15.31 47.96
CA ALA A 300 -58.78 16.62 47.49
C ALA A 300 -59.86 17.70 47.66
N CYS A 301 -61.12 17.36 47.38
CA CYS A 301 -62.23 18.29 47.61
C CYS A 301 -62.31 18.73 49.07
N ALA A 302 -61.97 17.83 50.00
CA ALA A 302 -62.06 18.10 51.44
C ALA A 302 -60.85 18.82 52.04
N HIS A 303 -59.90 19.22 51.20
CA HIS A 303 -58.68 19.88 51.69
C HIS A 303 -59.01 21.21 52.36
N SER A 304 -58.15 21.64 53.27
CA SER A 304 -58.34 22.90 53.99
C SER A 304 -58.18 24.13 53.08
N PHE A 305 -57.60 23.94 51.90
CA PHE A 305 -57.44 25.00 50.90
C PHE A 305 -58.77 25.50 50.34
N PHE A 306 -59.81 24.66 50.39
CA PHE A 306 -61.11 24.98 49.83
C PHE A 306 -62.16 25.44 50.87
N ASP A 307 -61.71 25.68 52.11
CA ASP A 307 -62.63 26.05 53.20
C ASP A 307 -63.44 27.33 52.93
N GLU A 308 -62.83 28.29 52.25
CA GLU A 308 -63.50 29.54 51.86
C GLU A 308 -64.76 29.30 51.05
N LEU A 309 -64.77 28.24 50.23
CA LEU A 309 -65.92 27.88 49.40
C LEU A 309 -67.11 27.38 50.22
N ARG A 310 -66.82 26.80 51.39
CA ARG A 310 -67.87 26.28 52.27
C ARG A 310 -68.37 27.34 53.28
N ASP A 311 -67.90 28.58 53.15
CA ASP A 311 -68.46 29.68 53.90
C ASP A 311 -69.83 30.02 53.30
N PRO A 312 -70.83 30.37 54.16
CA PRO A 312 -72.15 30.75 53.63
C PRO A 312 -72.20 32.17 53.06
N ASN A 313 -71.49 33.10 53.69
CA ASN A 313 -71.48 34.49 53.26
C ASN A 313 -70.35 34.74 52.26
N VAL A 314 -70.32 33.93 51.20
CA VAL A 314 -69.25 34.01 50.21
C VAL A 314 -69.85 34.24 48.83
N LYS A 315 -69.26 35.19 48.10
CA LYS A 315 -69.72 35.53 46.76
C LYS A 315 -68.55 35.71 45.81
N LEU A 316 -68.87 35.75 44.53
CA LEU A 316 -67.88 35.94 43.48
C LEU A 316 -67.52 37.41 43.46
N PRO A 317 -66.39 37.77 42.80
CA PRO A 317 -66.04 39.19 42.63
C PRO A 317 -67.11 40.05 41.95
N ASN A 318 -67.94 39.45 41.08
CA ASN A 318 -69.06 40.16 40.46
C ASN A 318 -70.35 40.12 41.30
N GLY A 319 -70.19 39.93 42.62
CA GLY A 319 -71.31 40.01 43.54
C GLY A 319 -72.15 38.74 43.66
N ARG A 320 -72.25 37.99 42.57
CA ARG A 320 -73.18 36.85 42.48
C ARG A 320 -72.89 35.73 43.45
N ASP A 321 -73.84 34.81 43.55
CA ASP A 321 -73.66 33.58 44.31
C ASP A 321 -72.73 32.66 43.55
N THR A 322 -72.08 31.75 44.28
CA THR A 322 -71.28 30.70 43.68
C THR A 322 -72.23 29.60 43.20
N PRO A 323 -71.81 28.82 42.20
CA PRO A 323 -72.62 27.67 41.81
C PRO A 323 -72.74 26.63 42.93
N ALA A 324 -73.67 25.68 42.79
CA ALA A 324 -73.92 24.67 43.81
C ALA A 324 -72.73 23.74 43.96
N LEU A 325 -72.13 23.74 45.15
CA LEU A 325 -70.92 22.95 45.41
C LEU A 325 -71.18 21.73 46.30
N PHE A 326 -72.43 21.57 46.75
CA PHE A 326 -72.73 20.62 47.82
C PHE A 326 -73.87 19.65 47.52
N ASN A 327 -74.29 19.57 46.26
CA ASN A 327 -75.35 18.65 45.87
C ASN A 327 -74.78 17.30 45.44
N PHE A 328 -74.09 16.64 46.37
CA PHE A 328 -73.48 15.34 46.13
C PHE A 328 -74.53 14.25 46.15
N THR A 329 -74.52 13.40 45.13
CA THR A 329 -75.28 12.15 45.15
C THR A 329 -74.57 11.13 46.05
N THR A 330 -75.19 9.95 46.21
CA THR A 330 -74.56 8.86 46.94
C THR A 330 -73.49 8.20 46.06
N GLN A 331 -73.83 7.98 44.80
CA GLN A 331 -72.87 7.48 43.81
C GLN A 331 -71.56 8.28 43.86
N GLU A 332 -71.69 9.60 43.99
CA GLU A 332 -70.55 10.51 44.02
C GLU A 332 -69.77 10.44 45.33
N LEU A 333 -70.46 10.18 46.44
CA LEU A 333 -69.81 9.99 47.74
C LEU A 333 -69.54 8.51 48.05
N SER A 334 -69.86 7.62 47.11
CA SER A 334 -69.89 6.18 47.38
C SER A 334 -68.55 5.59 47.83
N SER A 335 -67.45 6.12 47.30
CA SER A 335 -66.11 5.59 47.61
C SER A 335 -65.64 5.91 49.03
N ASN A 336 -66.25 6.92 49.65
CA ASN A 336 -65.95 7.32 51.04
C ASN A 336 -67.08 8.17 51.64
N PRO A 337 -68.22 7.52 51.98
CA PRO A 337 -69.39 8.23 52.54
C PRO A 337 -69.11 9.07 53.79
N PRO A 338 -68.31 8.58 54.76
CA PRO A 338 -67.92 9.40 55.91
C PRO A 338 -67.53 10.86 55.62
N LEU A 339 -66.99 11.13 54.44
CA LEU A 339 -66.57 12.50 54.09
C LEU A 339 -67.73 13.49 53.93
N ALA A 340 -68.95 13.00 53.80
CA ALA A 340 -70.14 13.86 53.72
C ALA A 340 -70.13 14.95 54.80
N THR A 341 -69.74 14.58 56.02
CA THR A 341 -69.63 15.51 57.13
C THR A 341 -69.03 16.84 56.72
N ILE A 342 -67.90 16.78 56.01
CA ILE A 342 -67.14 17.96 55.63
C ILE A 342 -67.66 18.54 54.31
N LEU A 343 -67.83 17.67 53.32
CA LEU A 343 -68.21 18.11 51.98
C LEU A 343 -69.53 18.90 51.98
N ILE A 344 -70.49 18.43 52.76
CA ILE A 344 -71.76 19.14 52.92
C ILE A 344 -71.77 19.84 54.28
N PRO A 345 -71.56 21.17 54.30
CA PRO A 345 -71.60 21.88 55.57
C PRO A 345 -73.04 22.15 56.03
N PRO A 346 -73.25 22.35 57.34
CA PRO A 346 -74.54 22.53 57.99
C PRO A 346 -75.61 23.25 57.17
N HIS A 347 -75.30 24.43 56.66
CA HIS A 347 -76.30 25.27 55.97
C HIS A 347 -76.76 24.68 54.63
N ALA A 348 -76.02 23.72 54.09
CA ALA A 348 -76.42 23.02 52.87
C ALA A 348 -77.17 21.71 53.16
N ARG A 349 -77.54 21.48 54.42
CA ARG A 349 -78.33 20.31 54.82
C ARG A 349 -79.80 20.66 55.07
N ILE A 350 -80.15 21.94 54.89
CA ILE A 350 -81.46 22.47 55.32
C ILE A 350 -82.64 21.65 54.76
N GLN A 351 -83.26 20.87 55.64
CA GLN A 351 -84.46 20.10 55.31
C GLN A 351 -85.64 21.03 54.99
N SER B 1 78.95 -37.28 -7.29
CA SER B 1 78.49 -37.67 -8.66
C SER B 1 77.06 -38.25 -8.62
N LYS B 2 76.08 -37.36 -8.44
CA LYS B 2 74.67 -37.75 -8.56
C LYS B 2 74.32 -37.86 -10.04
N VAL B 3 74.77 -38.95 -10.66
CA VAL B 3 74.63 -39.15 -12.11
C VAL B 3 73.35 -39.92 -12.41
N THR B 4 72.59 -39.43 -13.39
CA THR B 4 71.38 -40.10 -13.87
C THR B 4 71.64 -40.68 -15.27
N THR B 5 71.17 -41.90 -15.50
CA THR B 5 71.34 -42.59 -16.79
C THR B 5 70.01 -43.14 -17.32
N VAL B 6 69.73 -42.88 -18.60
CA VAL B 6 68.51 -43.35 -19.27
C VAL B 6 68.80 -43.79 -20.70
N VAL B 7 67.86 -44.53 -21.29
CA VAL B 7 67.97 -44.99 -22.67
C VAL B 7 67.11 -44.09 -23.57
N ALA B 8 67.73 -43.08 -24.15
CA ALA B 8 66.98 -42.01 -24.83
C ALA B 8 66.97 -42.16 -26.36
N THR B 9 65.78 -42.01 -26.94
CA THR B 9 65.59 -42.10 -28.39
C THR B 9 65.98 -40.77 -29.06
N PRO B 10 66.83 -40.81 -30.11
CA PRO B 10 67.23 -39.58 -30.80
C PRO B 10 66.08 -38.78 -31.43
N GLY B 11 66.37 -37.51 -31.76
CA GLY B 11 65.36 -36.56 -32.20
C GLY B 11 65.02 -36.58 -33.68
N GLN B 12 66.03 -36.73 -34.53
CA GLN B 12 65.81 -36.73 -36.00
C GLN B 12 66.23 -38.02 -36.72
N GLY B 13 67.13 -38.81 -36.14
CA GLY B 13 67.55 -40.08 -36.74
C GLY B 13 66.46 -41.14 -36.77
N PRO B 14 66.80 -42.36 -37.21
CA PRO B 14 65.83 -43.46 -37.09
C PRO B 14 65.61 -43.86 -35.63
N ASP B 15 64.54 -44.59 -35.36
CA ASP B 15 64.14 -44.90 -33.98
C ASP B 15 65.05 -45.96 -33.33
N ARG B 16 66.28 -45.55 -32.96
CA ARG B 16 67.28 -46.46 -32.37
C ARG B 16 67.89 -45.87 -31.09
N PRO B 17 67.30 -46.20 -29.92
CA PRO B 17 67.74 -45.60 -28.64
C PRO B 17 69.22 -45.79 -28.28
N GLN B 18 69.73 -44.89 -27.45
CA GLN B 18 71.11 -44.91 -26.96
C GLN B 18 71.14 -44.72 -25.44
N GLU B 19 72.25 -45.10 -24.80
CA GLU B 19 72.43 -44.86 -23.37
C GLU B 19 73.07 -43.49 -23.14
N VAL B 20 72.39 -42.65 -22.35
CA VAL B 20 72.80 -41.25 -22.16
C VAL B 20 72.80 -40.88 -20.67
N SER B 21 73.89 -40.27 -20.20
CA SER B 21 74.05 -39.93 -18.78
C SER B 21 74.33 -38.45 -18.55
N TYR B 22 73.74 -37.91 -17.48
CA TYR B 22 73.82 -36.49 -17.17
C TYR B 22 73.67 -36.22 -15.66
N THR B 23 74.00 -35.00 -15.25
CA THR B 23 73.94 -34.58 -13.85
C THR B 23 73.63 -33.06 -13.71
N ASP B 24 74.04 -32.43 -12.60
CA ASP B 24 73.84 -30.98 -12.33
C ASP B 24 72.38 -30.53 -12.45
N THR B 25 71.46 -31.42 -12.11
CA THR B 25 70.03 -31.21 -12.36
C THR B 25 69.45 -30.16 -11.42
N LYS B 26 68.81 -29.15 -11.99
CA LYS B 26 68.16 -28.07 -11.23
C LYS B 26 67.01 -27.46 -12.03
N VAL B 27 66.02 -26.94 -11.32
CA VAL B 27 64.83 -26.34 -11.94
C VAL B 27 65.07 -24.88 -12.32
N ILE B 28 64.89 -24.55 -13.61
CA ILE B 28 65.03 -23.18 -14.09
C ILE B 28 63.71 -22.54 -14.53
N GLY B 29 62.65 -23.34 -14.61
CA GLY B 29 61.36 -22.84 -15.06
C GLY B 29 60.21 -23.65 -14.53
N ASN B 30 59.11 -22.97 -14.19
CA ASN B 30 57.94 -23.62 -13.61
C ASN B 30 56.70 -22.81 -13.93
N GLY B 31 56.20 -22.94 -15.14
CA GLY B 31 55.09 -22.12 -15.61
C GLY B 31 54.13 -22.83 -16.53
N SER B 32 53.32 -22.03 -17.21
CA SER B 32 52.36 -22.49 -18.22
C SER B 32 52.99 -23.42 -19.25
N PHE B 33 54.23 -23.12 -19.61
CA PHE B 33 55.05 -23.95 -20.50
C PHE B 33 55.53 -25.27 -19.89
N GLY B 34 55.18 -25.54 -18.63
CA GLY B 34 55.53 -26.81 -17.97
C GLY B 34 56.59 -26.65 -16.91
N VAL B 35 57.48 -27.64 -16.84
CA VAL B 35 58.58 -27.67 -15.87
C VAL B 35 59.88 -28.00 -16.61
N VAL B 36 60.89 -27.15 -16.42
CA VAL B 36 62.13 -27.23 -17.19
C VAL B 36 63.37 -27.27 -16.30
N TYR B 37 64.27 -28.22 -16.61
CA TYR B 37 65.52 -28.44 -15.87
C TYR B 37 66.72 -28.05 -16.71
N GLN B 38 67.82 -27.65 -16.06
CA GLN B 38 69.11 -27.51 -16.74
C GLN B 38 70.00 -28.71 -16.41
N ALA B 39 70.86 -29.11 -17.34
CA ALA B 39 71.70 -30.28 -17.14
C ALA B 39 73.01 -30.23 -17.93
N LYS B 40 73.88 -31.20 -17.67
CA LYS B 40 75.20 -31.27 -18.29
C LYS B 40 75.48 -32.71 -18.76
N LEU B 41 75.90 -32.85 -20.01
CA LEU B 41 76.23 -34.17 -20.58
C LEU B 41 77.60 -34.63 -20.10
N CYS B 42 77.95 -35.88 -20.36
CA CYS B 42 79.19 -36.48 -19.84
C CYS B 42 80.25 -36.69 -20.92
N ASP B 43 79.85 -37.26 -22.05
CA ASP B 43 80.79 -37.46 -23.17
C ASP B 43 81.35 -36.10 -23.61
N SER B 44 80.47 -35.10 -23.65
CA SER B 44 80.81 -33.78 -24.18
C SER B 44 80.93 -32.72 -23.10
N GLY B 45 80.10 -32.80 -22.07
CA GLY B 45 80.04 -31.76 -21.04
C GLY B 45 79.21 -30.56 -21.44
N GLU B 46 78.32 -30.76 -22.42
CA GLU B 46 77.48 -29.68 -22.95
C GLU B 46 76.25 -29.45 -22.09
N LEU B 47 75.84 -28.18 -21.96
CA LEU B 47 74.61 -27.83 -21.25
C LEU B 47 73.38 -28.09 -22.12
N VAL B 48 72.33 -28.63 -21.50
CA VAL B 48 71.06 -28.90 -22.19
C VAL B 48 69.85 -28.61 -21.31
N ALA B 49 68.71 -28.37 -21.98
CA ALA B 49 67.44 -28.10 -21.31
C ALA B 49 66.51 -29.30 -21.44
N ILE B 50 65.93 -29.73 -20.32
CA ILE B 50 65.06 -30.90 -20.29
C ILE B 50 63.66 -30.51 -19.83
N LYS B 51 62.65 -30.79 -20.65
CA LYS B 51 61.26 -30.44 -20.31
C LYS B 51 60.48 -31.69 -19.91
N LYS B 52 60.05 -31.75 -18.65
CA LYS B 52 59.35 -32.90 -18.10
C LYS B 52 57.83 -32.65 -18.06
N VAL B 53 57.05 -33.57 -18.61
CA VAL B 53 55.58 -33.46 -18.62
C VAL B 53 54.86 -34.79 -18.47
N LEU B 54 53.81 -34.79 -17.65
CA LEU B 54 52.93 -35.95 -17.47
C LEU B 54 52.20 -36.21 -18.78
N GLN B 55 52.28 -37.45 -19.29
CA GLN B 55 51.66 -37.81 -20.57
C GLN B 55 50.72 -39.02 -20.40
N ASP B 56 49.51 -38.89 -20.94
CA ASP B 56 48.55 -39.99 -21.01
C ASP B 56 48.94 -40.99 -22.08
N LYS B 57 48.94 -42.28 -21.72
CA LYS B 57 49.56 -43.32 -22.56
C LYS B 57 48.77 -43.64 -23.83
N ARG B 58 47.54 -43.16 -23.91
CA ARG B 58 46.71 -43.36 -25.11
C ARG B 58 47.16 -42.43 -26.25
N PHE B 59 47.23 -41.14 -25.95
CA PHE B 59 47.38 -40.09 -26.97
C PHE B 59 48.83 -39.95 -27.47
N LYS B 60 49.01 -39.11 -28.49
CA LYS B 60 50.33 -38.81 -29.07
C LYS B 60 50.67 -37.32 -28.98
N ASN B 61 51.68 -37.01 -28.18
CA ASN B 61 52.07 -35.62 -27.88
C ASN B 61 52.36 -34.79 -29.12
N ARG B 62 51.62 -33.69 -29.29
CA ARG B 62 51.73 -32.84 -30.49
C ARG B 62 53.04 -32.06 -30.57
N GLU B 63 53.53 -31.59 -29.42
CA GLU B 63 54.81 -30.90 -29.36
C GLU B 63 55.93 -31.82 -29.86
N LEU B 64 55.86 -33.09 -29.46
CA LEU B 64 56.83 -34.09 -29.89
C LEU B 64 56.72 -34.37 -31.39
N GLN B 65 55.52 -34.66 -31.89
CA GLN B 65 55.31 -34.89 -33.32
C GLN B 65 55.97 -33.77 -34.14
N ILE B 66 55.74 -32.54 -33.72
CA ILE B 66 56.22 -31.37 -34.46
C ILE B 66 57.75 -31.19 -34.47
N MET B 67 58.40 -31.32 -33.31
CA MET B 67 59.85 -31.07 -33.23
C MET B 67 60.72 -32.14 -33.88
N ARG B 68 60.19 -33.35 -34.06
CA ARG B 68 60.98 -34.47 -34.58
C ARG B 68 61.39 -34.29 -36.04
N LYS B 69 60.55 -33.61 -36.82
CA LYS B 69 60.82 -33.38 -38.25
C LYS B 69 61.52 -32.05 -38.54
N LEU B 70 61.89 -31.32 -37.47
CA LEU B 70 62.56 -30.03 -37.61
C LEU B 70 64.07 -30.14 -37.44
N ASP B 71 64.81 -29.49 -38.34
CA ASP B 71 66.27 -29.34 -38.17
C ASP B 71 66.79 -28.14 -38.96
N HIS B 72 67.01 -27.03 -38.24
CA HIS B 72 67.42 -25.76 -38.82
C HIS B 72 68.18 -24.96 -37.76
N CYS B 73 69.07 -24.09 -38.22
CA CYS B 73 70.02 -23.39 -37.35
C CYS B 73 69.36 -22.35 -36.44
N ASN B 74 68.41 -21.60 -36.98
CA ASN B 74 67.65 -20.60 -36.22
C ASN B 74 66.47 -21.16 -35.43
N ILE B 75 66.55 -22.44 -35.07
CA ILE B 75 65.56 -23.05 -34.20
C ILE B 75 66.28 -23.90 -33.17
N VAL B 76 65.75 -23.95 -31.95
CA VAL B 76 66.33 -24.79 -30.91
C VAL B 76 66.14 -26.25 -31.30
N ARG B 77 67.24 -26.99 -31.36
CA ARG B 77 67.22 -28.38 -31.83
C ARG B 77 66.78 -29.32 -30.73
N LEU B 78 66.12 -30.41 -31.14
CA LEU B 78 65.76 -31.51 -30.27
C LEU B 78 66.81 -32.61 -30.41
N ARG B 79 67.42 -32.98 -29.29
CA ARG B 79 68.54 -33.94 -29.29
C ARG B 79 68.09 -35.35 -28.93
N TYR B 80 67.32 -35.48 -27.85
CA TYR B 80 66.82 -36.79 -27.38
C TYR B 80 65.44 -36.65 -26.74
N PHE B 81 64.82 -37.80 -26.44
CA PHE B 81 63.64 -37.83 -25.58
C PHE B 81 63.51 -39.20 -24.91
N PHE B 82 62.78 -39.25 -23.80
CA PHE B 82 62.63 -40.49 -23.02
C PHE B 82 61.53 -40.36 -21.96
N TYR B 83 61.18 -41.47 -21.31
CA TYR B 83 60.08 -41.50 -20.34
C TYR B 83 60.58 -41.63 -18.89
N SER B 84 60.67 -40.52 -18.14
CA SER B 84 61.04 -40.54 -16.71
C SER B 84 59.82 -40.61 -15.80
N SER B 85 60.07 -40.61 -14.50
CA SER B 85 58.99 -40.60 -13.50
C SER B 85 59.16 -39.41 -12.57
N GLY B 86 58.06 -38.97 -11.95
CA GLY B 86 58.09 -37.75 -11.14
C GLY B 86 57.02 -37.64 -10.07
N GLU B 87 56.81 -36.42 -9.60
CA GLU B 87 55.87 -36.14 -8.51
C GLU B 87 54.45 -36.60 -8.84
N LYS B 88 53.50 -35.68 -8.70
CA LYS B 88 52.09 -35.99 -8.87
C LYS B 88 51.87 -37.50 -8.78
N LYS B 89 52.02 -38.03 -7.57
CA LYS B 89 51.80 -39.45 -7.30
C LYS B 89 52.59 -40.30 -8.30
N ASP B 90 51.94 -41.34 -8.82
CA ASP B 90 52.58 -42.24 -9.78
C ASP B 90 52.41 -41.74 -11.21
N GLU B 91 51.83 -42.58 -12.06
CA GLU B 91 51.60 -42.22 -13.45
C GLU B 91 52.83 -42.50 -14.30
N VAL B 92 53.47 -41.44 -14.79
CA VAL B 92 54.64 -41.59 -15.65
C VAL B 92 54.65 -40.49 -16.73
N TYR B 93 55.72 -40.01 -17.21
CA TYR B 93 56.02 -38.72 -17.84
C TYR B 93 56.79 -38.87 -19.16
N LEU B 94 56.97 -37.75 -19.85
CA LEU B 94 57.82 -37.66 -21.05
C LEU B 94 58.84 -36.54 -20.86
N ASN B 95 60.06 -36.76 -21.34
CA ASN B 95 61.15 -35.80 -21.25
C ASN B 95 61.69 -35.40 -22.62
N LEU B 96 62.04 -34.11 -22.77
CA LEU B 96 62.55 -33.57 -24.04
C LEU B 96 63.89 -32.87 -23.84
N VAL B 97 64.95 -33.42 -24.44
CA VAL B 97 66.30 -32.90 -24.27
C VAL B 97 66.65 -31.98 -25.45
N LEU B 98 67.03 -30.74 -25.13
CA LEU B 98 67.15 -29.64 -26.11
C LEU B 98 68.46 -28.88 -25.90
N ASP B 99 68.89 -28.13 -26.92
CA ASP B 99 70.09 -27.27 -26.79
C ASP B 99 69.85 -26.12 -25.82
N TYR B 100 70.79 -25.90 -24.89
CA TYR B 100 70.69 -24.79 -23.92
C TYR B 100 71.24 -23.47 -24.46
N VAL B 101 70.55 -22.37 -24.12
CA VAL B 101 70.96 -21.01 -24.51
C VAL B 101 70.60 -20.05 -23.38
N PRO B 102 71.58 -19.30 -22.85
CA PRO B 102 71.36 -18.61 -21.57
C PRO B 102 70.55 -17.29 -21.58
N GLU B 103 70.48 -16.58 -22.71
CA GLU B 103 69.78 -15.29 -22.80
C GLU B 103 68.65 -15.27 -23.85
N THR B 104 67.82 -14.23 -23.79
CA THR B 104 66.74 -14.00 -24.76
C THR B 104 66.77 -12.58 -25.32
N VAL B 105 66.01 -12.40 -26.40
CA VAL B 105 65.79 -11.08 -27.00
C VAL B 105 65.09 -10.13 -26.03
N TYR B 106 64.15 -10.65 -25.23
CA TYR B 106 63.41 -9.85 -24.24
C TYR B 106 64.31 -9.31 -23.14
N ARG B 107 65.17 -10.17 -22.62
CA ARG B 107 66.14 -9.77 -21.59
C ARG B 107 67.02 -8.61 -22.06
N VAL B 108 67.54 -8.70 -23.27
CA VAL B 108 68.47 -7.70 -23.81
C VAL B 108 67.81 -6.34 -23.92
N ALA B 109 66.68 -6.28 -24.63
CA ALA B 109 65.95 -5.02 -24.83
C ALA B 109 65.51 -4.39 -23.51
N ARG B 110 65.26 -5.22 -22.49
CA ARG B 110 64.87 -4.76 -21.16
C ARG B 110 65.92 -3.83 -20.55
N HIS B 111 67.19 -4.13 -20.75
CA HIS B 111 68.29 -3.35 -20.17
C HIS B 111 68.49 -2.03 -20.93
N TYR B 112 68.51 -2.11 -22.25
CA TYR B 112 68.60 -0.93 -23.11
C TYR B 112 67.52 0.09 -22.77
N SER B 113 66.29 -0.40 -22.61
CA SER B 113 65.12 0.44 -22.33
C SER B 113 65.24 1.17 -20.99
N ARG B 114 65.52 0.43 -19.93
CA ARG B 114 65.60 1.04 -18.59
C ARG B 114 66.92 1.79 -18.34
N ALA B 115 67.75 1.93 -19.37
CA ALA B 115 68.90 2.83 -19.32
C ALA B 115 68.76 3.95 -20.36
N LYS B 116 67.55 4.10 -20.91
CA LYS B 116 67.21 5.18 -21.87
C LYS B 116 68.08 5.14 -23.15
N GLN B 117 68.35 3.94 -23.66
CA GLN B 117 69.15 3.77 -24.88
C GLN B 117 68.42 2.92 -25.92
N THR B 118 68.58 3.26 -27.19
CA THR B 118 67.98 2.47 -28.27
C THR B 118 68.92 1.32 -28.65
N LEU B 119 68.33 0.14 -28.91
CA LEU B 119 69.06 -0.99 -29.45
C LEU B 119 69.54 -0.63 -30.85
N PRO B 120 70.87 -0.62 -31.08
CA PRO B 120 71.39 -0.31 -32.41
C PRO B 120 70.67 -1.06 -33.52
N VAL B 121 70.44 -0.39 -34.63
CA VAL B 121 69.68 -0.92 -35.76
C VAL B 121 70.32 -2.21 -36.30
N ILE B 122 71.63 -2.31 -36.19
CA ILE B 122 72.35 -3.50 -36.64
C ILE B 122 71.85 -4.78 -35.97
N TYR B 123 71.48 -4.70 -34.69
CA TYR B 123 70.94 -5.86 -33.99
C TYR B 123 69.50 -6.15 -34.39
N VAL B 124 68.72 -5.09 -34.59
CA VAL B 124 67.33 -5.25 -35.03
C VAL B 124 67.27 -5.97 -36.37
N LYS B 125 68.13 -5.56 -37.31
CA LYS B 125 68.22 -6.24 -38.60
C LYS B 125 68.56 -7.71 -38.42
N LEU B 126 69.61 -7.98 -37.65
CA LEU B 126 70.11 -9.34 -37.45
C LEU B 126 69.07 -10.27 -36.86
N TYR B 127 68.24 -9.76 -35.95
CA TYR B 127 67.30 -10.61 -35.23
C TYR B 127 66.04 -10.90 -36.01
N MET B 128 65.44 -9.85 -36.57
CA MET B 128 64.27 -10.02 -37.42
C MET B 128 64.56 -10.91 -38.63
N TYR B 129 65.72 -10.74 -39.25
CA TYR B 129 66.14 -11.62 -40.34
C TYR B 129 66.06 -13.08 -39.90
N GLN B 130 66.83 -13.41 -38.86
CA GLN B 130 66.87 -14.76 -38.30
C GLN B 130 65.51 -15.25 -37.82
N LEU B 131 64.65 -14.33 -37.39
CA LEU B 131 63.26 -14.68 -37.08
C LEU B 131 62.49 -15.11 -38.32
N PHE B 132 62.47 -14.24 -39.35
CA PHE B 132 61.76 -14.51 -40.61
C PHE B 132 62.27 -15.75 -41.35
N ARG B 133 63.57 -16.03 -41.26
CA ARG B 133 64.09 -17.33 -41.73
C ARG B 133 63.43 -18.48 -40.96
N SER B 134 63.39 -18.40 -39.63
CA SER B 134 62.88 -19.50 -38.80
C SER B 134 61.39 -19.74 -39.09
N LEU B 135 60.65 -18.67 -39.35
CA LEU B 135 59.24 -18.78 -39.73
C LEU B 135 59.08 -19.39 -41.11
N ALA B 136 59.81 -18.85 -42.08
CA ALA B 136 59.79 -19.35 -43.47
C ALA B 136 59.90 -20.87 -43.52
N TYR B 137 60.94 -21.40 -42.89
CA TYR B 137 61.20 -22.83 -42.81
C TYR B 137 60.00 -23.63 -42.29
N ILE B 138 59.54 -23.32 -41.07
CA ILE B 138 58.47 -24.10 -40.45
C ILE B 138 57.15 -23.93 -41.19
N HIS B 139 56.89 -22.74 -41.73
CA HIS B 139 55.68 -22.51 -42.52
C HIS B 139 55.64 -23.44 -43.73
N SER B 140 56.80 -23.70 -44.31
CA SER B 140 56.92 -24.62 -45.45
C SER B 140 56.53 -26.08 -45.14
N PHE B 141 56.33 -26.43 -43.87
CA PHE B 141 55.76 -27.75 -43.53
C PHE B 141 54.29 -27.65 -43.16
N GLY B 142 53.71 -26.47 -43.36
CA GLY B 142 52.35 -26.22 -42.91
C GLY B 142 52.22 -26.12 -41.40
N ILE B 143 53.31 -25.73 -40.73
CA ILE B 143 53.31 -25.61 -39.27
C ILE B 143 53.29 -24.15 -38.85
N CYS B 144 52.38 -23.80 -37.93
CA CYS B 144 52.31 -22.46 -37.33
C CYS B 144 52.75 -22.55 -35.87
N HIS B 145 53.38 -21.48 -35.37
CA HIS B 145 53.93 -21.48 -34.00
C HIS B 145 52.92 -20.95 -32.99
N ARG B 146 52.23 -19.88 -33.37
CA ARG B 146 51.10 -19.34 -32.62
C ARG B 146 51.45 -18.82 -31.23
N ASP B 147 52.71 -18.49 -31.01
CA ASP B 147 53.13 -17.74 -29.82
C ASP B 147 54.51 -17.14 -30.03
N ILE B 148 54.60 -16.28 -31.05
CA ILE B 148 55.83 -15.55 -31.38
C ILE B 148 55.88 -14.29 -30.52
N LYS B 149 56.99 -14.10 -29.80
CA LYS B 149 57.14 -12.98 -28.84
C LYS B 149 58.57 -12.96 -28.28
N PRO B 150 59.05 -11.77 -27.86
CA PRO B 150 60.47 -11.60 -27.54
C PRO B 150 61.03 -12.60 -26.52
N GLN B 151 60.18 -13.13 -25.66
CA GLN B 151 60.62 -14.07 -24.63
C GLN B 151 61.01 -15.41 -25.27
N ASN B 152 60.17 -15.94 -26.15
CA ASN B 152 60.44 -17.22 -26.80
C ASN B 152 61.51 -17.17 -27.91
N LEU B 153 62.37 -16.14 -27.90
CA LEU B 153 63.52 -15.97 -28.82
C LEU B 153 64.88 -15.98 -28.12
N LEU B 154 65.60 -17.10 -28.21
CA LEU B 154 66.88 -17.28 -27.54
C LEU B 154 68.01 -16.60 -28.31
N LEU B 155 69.16 -16.40 -27.66
CA LEU B 155 70.20 -15.48 -28.14
C LEU B 155 71.56 -15.73 -27.45
N ASP B 156 72.63 -15.89 -28.22
CA ASP B 156 74.00 -15.91 -27.69
C ASP B 156 74.57 -14.48 -27.80
N PRO B 157 74.98 -13.88 -26.65
CA PRO B 157 75.40 -12.48 -26.67
C PRO B 157 76.63 -12.19 -27.52
N ASP B 158 77.51 -13.19 -27.69
CA ASP B 158 78.77 -13.02 -28.42
C ASP B 158 78.70 -13.36 -29.91
N THR B 159 77.88 -14.35 -30.27
CA THR B 159 77.81 -14.84 -31.65
C THR B 159 76.60 -14.31 -32.47
N ALA B 160 75.67 -13.62 -31.80
CA ALA B 160 74.43 -13.10 -32.41
C ALA B 160 73.47 -14.17 -32.94
N VAL B 161 73.67 -15.41 -32.51
CA VAL B 161 72.87 -16.52 -33.01
C VAL B 161 71.57 -16.56 -32.25
N LEU B 162 70.48 -16.32 -32.99
CA LEU B 162 69.12 -16.33 -32.46
C LEU B 162 68.42 -17.62 -32.85
N LYS B 163 67.71 -18.22 -31.89
CA LYS B 163 67.04 -19.50 -32.09
C LYS B 163 65.64 -19.50 -31.48
N LEU B 164 64.61 -19.67 -32.31
CA LEU B 164 63.23 -19.69 -31.84
C LEU B 164 62.95 -20.96 -31.00
N CYS B 165 62.10 -20.83 -29.97
CA CYS B 165 61.80 -21.96 -29.08
C CYS B 165 60.33 -22.04 -28.65
N ASP B 166 60.05 -23.04 -27.83
CA ASP B 166 58.73 -23.29 -27.23
C ASP B 166 57.63 -23.59 -28.25
N PHE B 167 57.62 -24.85 -28.70
CA PHE B 167 56.61 -25.35 -29.62
C PHE B 167 55.46 -26.04 -28.87
N GLY B 168 55.14 -25.52 -27.68
CA GLY B 168 53.99 -26.03 -26.91
C GLY B 168 52.64 -25.51 -27.38
N SER B 169 52.65 -24.46 -28.20
CA SER B 169 51.43 -23.91 -28.82
C SER B 169 51.44 -24.11 -30.33
N ALA B 170 52.39 -24.88 -30.86
CA ALA B 170 52.51 -25.06 -32.31
C ALA B 170 51.45 -26.02 -32.82
N LYS B 171 50.99 -25.79 -34.04
CA LYS B 171 50.01 -26.66 -34.68
C LYS B 171 50.14 -26.59 -36.19
N GLN B 172 49.95 -27.74 -36.82
CA GLN B 172 49.92 -27.83 -38.27
C GLN B 172 48.52 -27.44 -38.76
N LEU B 173 48.41 -26.26 -39.36
CA LEU B 173 47.13 -25.77 -39.86
C LEU B 173 46.74 -26.52 -41.12
N VAL B 174 45.46 -26.89 -41.23
CA VAL B 174 44.93 -27.56 -42.42
C VAL B 174 43.64 -26.89 -42.90
N ARG B 175 43.47 -26.81 -44.21
CA ARG B 175 42.33 -26.11 -44.81
C ARG B 175 41.00 -26.75 -44.40
N GLY B 176 40.02 -25.91 -44.05
CA GLY B 176 38.70 -26.38 -43.66
C GLY B 176 38.61 -27.08 -42.31
N GLU B 177 39.68 -27.02 -41.52
CA GLU B 177 39.70 -27.60 -40.17
C GLU B 177 39.78 -26.49 -39.14
N PRO B 178 38.86 -26.49 -38.15
CA PRO B 178 38.72 -25.36 -37.23
C PRO B 178 39.77 -25.34 -36.14
N ASN B 179 40.36 -24.16 -35.92
CA ASN B 179 41.36 -23.96 -34.87
C ASN B 179 40.86 -22.91 -33.88
N VAL B 180 41.29 -23.00 -32.62
CA VAL B 180 40.81 -22.10 -31.56
C VAL B 180 41.32 -20.68 -31.80
N SER B 181 40.55 -19.70 -31.33
CA SER B 181 40.80 -18.29 -31.66
C SER B 181 41.50 -17.50 -30.55
N PTR B 182 41.18 -17.80 -29.28
CA PTR B 182 41.86 -17.14 -28.15
C PTR B 182 43.21 -17.81 -27.92
O PTR B 182 43.31 -18.81 -27.21
CB PTR B 182 41.05 -17.17 -26.85
CG PTR B 182 41.62 -16.31 -25.74
CD1 PTR B 182 41.67 -14.92 -25.85
CD2 PTR B 182 42.13 -16.90 -24.59
CE1 PTR B 182 42.20 -14.14 -24.83
CE2 PTR B 182 42.67 -16.13 -23.57
CZ PTR B 182 42.71 -14.75 -23.69
OH PTR B 182 43.17 -14.10 -22.74
P PTR B 182 44.27 -12.92 -22.80
O1P PTR B 182 43.64 -11.67 -23.30
O2P PTR B 182 45.47 -13.35 -23.68
O3P PTR B 182 44.79 -12.65 -21.37
N ILE B 183 44.26 -17.25 -28.51
CA ILE B 183 45.59 -17.86 -28.54
C ILE B 183 46.66 -16.83 -28.92
N CYS B 184 47.91 -17.09 -28.54
CA CYS B 184 49.01 -16.10 -28.55
C CYS B 184 48.97 -15.22 -27.31
N SER B 185 50.07 -14.53 -27.03
CA SER B 185 50.12 -13.59 -25.93
C SER B 185 49.51 -12.25 -26.38
N ARG B 186 49.07 -11.46 -25.41
CA ARG B 186 48.14 -10.36 -25.67
C ARG B 186 48.62 -9.36 -26.72
N TYR B 187 49.75 -8.71 -26.44
CA TYR B 187 50.23 -7.58 -27.25
C TYR B 187 50.61 -7.97 -28.68
N TYR B 188 50.85 -9.27 -28.87
CA TYR B 188 51.29 -9.82 -30.14
C TYR B 188 50.19 -10.63 -30.83
N ARG B 189 48.94 -10.48 -30.39
CA ARG B 189 47.82 -11.16 -31.04
C ARG B 189 47.34 -10.37 -32.26
N ALA B 190 47.08 -11.10 -33.35
CA ALA B 190 46.49 -10.52 -34.56
C ALA B 190 44.99 -10.27 -34.33
N PRO B 191 44.38 -9.38 -35.14
CA PRO B 191 42.99 -8.93 -34.90
C PRO B 191 41.89 -9.90 -35.31
N GLU B 192 42.11 -10.68 -36.37
CA GLU B 192 41.14 -11.70 -36.76
C GLU B 192 40.87 -12.66 -35.60
N LEU B 193 41.93 -13.03 -34.88
CA LEU B 193 41.81 -13.80 -33.65
C LEU B 193 40.94 -13.07 -32.61
N ILE B 194 41.17 -11.76 -32.46
CA ILE B 194 40.36 -10.94 -31.56
C ILE B 194 38.90 -10.86 -32.05
N PHE B 195 38.73 -10.84 -33.38
CA PHE B 195 37.41 -10.87 -34.00
C PHE B 195 36.78 -12.27 -33.99
N GLY B 196 37.41 -13.22 -33.31
CA GLY B 196 36.84 -14.54 -33.12
C GLY B 196 36.97 -15.46 -34.31
N ALA B 197 37.88 -15.14 -35.24
CA ALA B 197 38.09 -15.96 -36.42
C ALA B 197 38.66 -17.32 -36.05
N THR B 198 38.24 -18.37 -36.75
CA THR B 198 38.65 -19.74 -36.42
C THR B 198 39.17 -20.53 -37.63
N ASP B 199 39.41 -19.83 -38.74
CA ASP B 199 40.00 -20.43 -39.93
C ASP B 199 41.13 -19.53 -40.44
N TYR B 200 41.94 -19.06 -39.51
CA TYR B 200 43.08 -18.21 -39.84
C TYR B 200 44.19 -19.03 -40.48
N THR B 201 45.19 -18.33 -41.00
CA THR B 201 46.32 -18.95 -41.70
C THR B 201 47.57 -18.74 -40.84
N SER B 202 48.74 -18.91 -41.44
CA SER B 202 50.01 -18.71 -40.74
C SER B 202 50.43 -17.25 -40.66
N SER B 203 49.68 -16.33 -41.26
CA SER B 203 50.05 -14.92 -41.25
C SER B 203 49.94 -14.28 -39.85
N ILE B 204 49.32 -14.98 -38.90
CA ILE B 204 49.31 -14.53 -37.49
C ILE B 204 50.70 -14.46 -36.83
N ASP B 205 51.61 -15.34 -37.23
CA ASP B 205 53.01 -15.22 -36.82
C ASP B 205 53.66 -14.00 -37.46
N VAL B 206 53.30 -13.72 -38.71
CA VAL B 206 53.81 -12.56 -39.44
C VAL B 206 53.29 -11.24 -38.86
N TRP B 207 52.05 -11.25 -38.35
CA TRP B 207 51.56 -10.13 -37.54
C TRP B 207 52.40 -10.02 -36.26
N SER B 208 52.69 -11.17 -35.63
CA SER B 208 53.44 -11.17 -34.36
C SER B 208 54.87 -10.72 -34.52
N ALA B 209 55.46 -10.98 -35.69
CA ALA B 209 56.83 -10.54 -35.97
C ALA B 209 56.92 -9.01 -36.13
N GLY B 210 55.91 -8.40 -36.75
CA GLY B 210 55.86 -6.95 -36.87
C GLY B 210 55.75 -6.26 -35.52
N CYS B 211 54.98 -6.85 -34.63
CA CYS B 211 54.86 -6.35 -33.25
C CYS B 211 56.20 -6.24 -32.53
N VAL B 212 57.07 -7.23 -32.71
CA VAL B 212 58.40 -7.20 -32.08
C VAL B 212 59.29 -6.12 -32.71
N LEU B 213 59.28 -6.05 -34.04
CA LEU B 213 60.01 -5.00 -34.77
C LEU B 213 59.68 -3.60 -34.25
N ALA B 214 58.39 -3.33 -34.03
CA ALA B 214 57.96 -2.05 -33.48
C ALA B 214 58.38 -1.87 -32.02
N GLU B 215 58.37 -2.95 -31.24
CA GLU B 215 58.79 -2.90 -29.84
C GLU B 215 60.30 -2.65 -29.74
N LEU B 216 61.06 -3.27 -30.65
CA LEU B 216 62.50 -3.08 -30.71
C LEU B 216 62.92 -1.65 -31.06
N LEU B 217 62.08 -0.96 -31.85
CA LEU B 217 62.36 0.43 -32.22
C LEU B 217 62.02 1.41 -31.10
N LEU B 218 60.86 1.21 -30.47
CA LEU B 218 60.34 2.19 -29.52
C LEU B 218 60.86 2.02 -28.09
N GLY B 219 61.32 0.83 -27.74
CA GLY B 219 61.74 0.54 -26.37
C GLY B 219 60.57 0.29 -25.44
N GLN B 220 59.42 -0.08 -26.01
CA GLN B 220 58.22 -0.44 -25.26
C GLN B 220 57.20 -1.12 -26.19
N PRO B 221 56.28 -1.95 -25.63
CA PRO B 221 55.31 -2.60 -26.51
C PRO B 221 54.41 -1.58 -27.20
N ILE B 222 54.09 -1.83 -28.47
CA ILE B 222 53.38 -0.86 -29.29
C ILE B 222 51.87 -0.93 -29.11
N PHE B 223 51.33 -2.15 -29.00
CA PHE B 223 49.90 -2.36 -28.74
C PHE B 223 49.74 -3.04 -27.39
N PRO B 224 49.91 -2.29 -26.28
CA PRO B 224 49.66 -2.89 -24.97
C PRO B 224 48.19 -3.31 -24.79
N GLY B 225 47.34 -2.44 -24.27
CA GLY B 225 45.95 -2.84 -24.02
C GLY B 225 45.81 -3.58 -22.71
N ASP B 226 44.69 -3.29 -22.03
CA ASP B 226 44.47 -3.67 -20.63
C ASP B 226 43.62 -4.95 -20.47
N SER B 227 43.08 -5.45 -21.59
CA SER B 227 42.24 -6.65 -21.59
C SER B 227 42.02 -7.13 -23.02
N GLY B 228 41.58 -8.38 -23.16
CA GLY B 228 41.36 -9.00 -24.47
C GLY B 228 40.59 -8.13 -25.43
N VAL B 229 39.51 -7.50 -24.94
CA VAL B 229 38.71 -6.57 -25.74
C VAL B 229 39.46 -5.26 -26.04
N ASP B 230 40.09 -4.69 -25.00
CA ASP B 230 40.74 -3.38 -25.10
C ASP B 230 41.84 -3.33 -26.17
N GLN B 231 42.46 -4.47 -26.46
CA GLN B 231 43.53 -4.57 -27.45
C GLN B 231 43.16 -3.94 -28.80
N LEU B 232 41.93 -4.19 -29.27
CA LEU B 232 41.50 -3.65 -30.56
C LEU B 232 41.54 -2.13 -30.55
N VAL B 233 41.27 -1.54 -29.39
CA VAL B 233 41.27 -0.09 -29.22
C VAL B 233 42.68 0.49 -29.39
N GLU B 234 43.67 -0.20 -28.83
CA GLU B 234 45.08 0.18 -29.01
C GLU B 234 45.53 0.04 -30.46
N ILE B 235 44.95 -0.92 -31.17
CA ILE B 235 45.24 -1.11 -32.59
C ILE B 235 44.51 -0.07 -33.43
N ILE B 236 43.26 0.20 -33.09
CA ILE B 236 42.47 1.21 -33.81
C ILE B 236 43.06 2.60 -33.61
N LYS B 237 43.57 2.87 -32.41
CA LYS B 237 44.31 4.10 -32.12
C LYS B 237 45.37 4.42 -33.18
N VAL B 238 45.98 3.39 -33.75
CA VAL B 238 47.15 3.54 -34.61
C VAL B 238 46.85 3.29 -36.08
N LEU B 239 46.26 2.13 -36.39
CA LEU B 239 45.90 1.78 -37.77
C LEU B 239 44.55 2.39 -38.19
N GLY B 240 43.83 2.97 -37.23
CA GLY B 240 42.50 3.52 -37.48
C GLY B 240 41.47 2.40 -37.42
N THR B 241 40.23 2.73 -37.76
CA THR B 241 39.17 1.73 -37.88
C THR B 241 39.37 0.94 -39.17
N PRO B 242 39.14 -0.39 -39.14
CA PRO B 242 39.15 -1.20 -40.37
C PRO B 242 37.88 -1.05 -41.19
N THR B 243 38.02 -1.02 -42.52
CA THR B 243 36.86 -0.85 -43.40
C THR B 243 36.02 -2.14 -43.41
N ARG B 244 34.89 -2.08 -44.10
CA ARG B 244 33.91 -3.17 -44.09
C ARG B 244 34.43 -4.44 -44.76
N GLU B 245 35.18 -4.26 -45.85
CA GLU B 245 35.73 -5.38 -46.61
C GLU B 245 36.86 -6.05 -45.84
N GLN B 246 37.69 -5.24 -45.19
CA GLN B 246 38.75 -5.74 -44.31
C GLN B 246 38.18 -6.60 -43.18
N ILE B 247 37.07 -6.15 -42.60
CA ILE B 247 36.37 -6.93 -41.57
C ILE B 247 35.83 -8.24 -42.13
N ARG B 248 35.43 -8.24 -43.40
CA ARG B 248 34.99 -9.47 -44.06
C ARG B 248 36.16 -10.42 -44.27
N GLU B 249 37.31 -9.87 -44.65
CA GLU B 249 38.53 -10.66 -44.87
C GLU B 249 38.98 -11.40 -43.60
N MET B 250 39.01 -10.67 -42.48
CA MET B 250 39.39 -11.26 -41.19
C MET B 250 38.41 -12.34 -40.76
N ASN B 251 37.12 -11.99 -40.77
CA ASN B 251 36.04 -12.90 -40.37
C ASN B 251 34.72 -12.35 -40.92
N PRO B 252 34.13 -13.04 -41.91
CA PRO B 252 32.92 -12.52 -42.58
C PRO B 252 31.65 -12.68 -41.73
N ASN B 253 31.69 -12.15 -40.50
CA ASN B 253 30.58 -12.25 -39.54
C ASN B 253 30.35 -10.97 -38.74
N TYR B 254 30.90 -9.84 -39.21
CA TYR B 254 30.85 -8.59 -38.46
C TYR B 254 30.54 -7.38 -39.35
N THR B 255 29.64 -6.53 -38.88
CA THR B 255 29.37 -5.23 -39.49
C THR B 255 29.04 -4.23 -38.39
N GLU B 256 28.06 -4.58 -37.56
CA GLU B 256 27.70 -3.76 -36.41
C GLU B 256 28.92 -3.57 -35.54
N PHE B 257 29.38 -2.33 -35.42
CA PHE B 257 30.61 -2.05 -34.70
C PHE B 257 30.33 -1.46 -33.32
N LYS B 258 30.77 -2.18 -32.29
CA LYS B 258 30.59 -1.72 -30.91
C LYS B 258 31.36 -0.43 -30.67
N PHE B 259 32.43 -0.23 -31.43
CA PHE B 259 33.26 0.96 -31.30
C PHE B 259 33.00 1.96 -32.43
N PRO B 260 33.47 3.21 -32.25
CA PRO B 260 33.28 4.31 -33.19
C PRO B 260 34.30 4.33 -34.33
N GLN B 261 34.19 5.35 -35.20
CA GLN B 261 35.03 5.46 -36.40
C GLN B 261 36.14 6.50 -36.22
N ILE B 262 37.38 6.03 -36.10
CA ILE B 262 38.53 6.88 -35.73
C ILE B 262 39.58 6.90 -36.85
N LYS B 263 40.36 7.99 -36.89
CA LYS B 263 41.39 8.21 -37.92
C LYS B 263 42.57 7.24 -37.81
N ALA B 264 43.17 6.93 -38.97
CA ALA B 264 44.37 6.10 -39.04
C ALA B 264 45.62 6.97 -38.89
N HIS B 265 46.24 6.92 -37.72
CA HIS B 265 47.44 7.71 -37.41
C HIS B 265 48.58 7.40 -38.39
N PRO B 266 49.36 8.43 -38.81
CA PRO B 266 50.39 8.21 -39.81
C PRO B 266 51.66 7.57 -39.23
N TRP B 267 52.26 6.66 -39.98
CA TRP B 267 53.45 5.90 -39.54
C TRP B 267 54.62 6.78 -39.10
N THR B 268 54.71 7.99 -39.65
CA THR B 268 55.85 8.87 -39.39
C THR B 268 55.89 9.37 -37.95
N LYS B 269 54.73 9.74 -37.39
CA LYS B 269 54.66 10.25 -36.02
C LYS B 269 54.46 9.12 -34.98
N VAL B 270 54.56 7.87 -35.42
CA VAL B 270 54.58 6.73 -34.51
C VAL B 270 55.96 6.57 -33.88
N PHE B 271 57.00 6.67 -34.71
CA PHE B 271 58.39 6.43 -34.29
C PHE B 271 59.18 7.73 -34.09
N ARG B 272 60.41 7.60 -33.60
CA ARG B 272 61.32 8.75 -33.42
C ARG B 272 61.58 9.49 -34.74
N PRO B 273 62.07 10.74 -34.65
CA PRO B 273 62.44 11.49 -35.86
C PRO B 273 63.62 10.88 -36.65
N ARG B 274 64.49 10.13 -35.96
CA ARG B 274 65.71 9.61 -36.56
C ARG B 274 65.57 8.20 -37.15
N THR B 275 64.38 7.61 -37.05
CA THR B 275 64.14 6.25 -37.56
C THR B 275 64.35 6.17 -39.07
N PRO B 276 64.97 5.08 -39.57
CA PRO B 276 65.16 4.96 -41.02
C PRO B 276 63.86 4.70 -41.79
N PRO B 277 63.84 5.02 -43.11
CA PRO B 277 62.61 4.88 -43.89
C PRO B 277 62.20 3.44 -44.24
N GLU B 278 63.16 2.52 -44.26
CA GLU B 278 62.87 1.12 -44.62
C GLU B 278 62.25 0.37 -43.44
N ALA B 279 62.78 0.61 -42.25
CA ALA B 279 62.20 0.05 -41.02
C ALA B 279 60.72 0.38 -40.95
N ILE B 280 60.40 1.65 -41.14
CA ILE B 280 59.03 2.13 -41.17
C ILE B 280 58.25 1.51 -42.33
N ALA B 281 58.90 1.38 -43.48
CA ALA B 281 58.27 0.79 -44.67
C ALA B 281 57.90 -0.67 -44.40
N LEU B 282 58.90 -1.46 -44.07
CA LEU B 282 58.72 -2.90 -43.82
C LEU B 282 57.59 -3.16 -42.83
N CYS B 283 57.57 -2.38 -41.75
CA CYS B 283 56.60 -2.55 -40.68
C CYS B 283 55.15 -2.45 -41.17
N SER B 284 54.88 -1.44 -42.00
CA SER B 284 53.55 -1.22 -42.59
C SER B 284 53.08 -2.40 -43.44
N ARG B 285 54.03 -3.10 -44.07
CA ARG B 285 53.72 -4.28 -44.86
C ARG B 285 53.58 -5.55 -44.01
N LEU B 286 53.79 -5.44 -42.70
CA LEU B 286 53.57 -6.53 -41.75
C LEU B 286 52.27 -6.32 -40.98
N LEU B 287 52.09 -5.11 -40.45
CA LEU B 287 50.91 -4.78 -39.63
C LEU B 287 49.76 -4.30 -40.50
N GLU B 288 49.17 -5.26 -41.22
CA GLU B 288 48.10 -5.00 -42.17
C GLU B 288 46.83 -5.72 -41.74
N TYR B 289 45.74 -4.98 -41.58
CA TYR B 289 44.44 -5.58 -41.25
C TYR B 289 44.11 -6.81 -42.12
N THR B 290 44.39 -6.73 -43.42
CA THR B 290 44.08 -7.82 -44.36
C THR B 290 45.09 -8.96 -44.21
N PRO B 291 44.66 -10.12 -43.68
CA PRO B 291 45.57 -11.26 -43.49
C PRO B 291 46.36 -11.68 -44.72
N THR B 292 45.76 -11.55 -45.90
CA THR B 292 46.40 -11.97 -47.15
C THR B 292 47.23 -10.85 -47.81
N ALA B 293 47.33 -9.69 -47.15
CA ALA B 293 48.08 -8.55 -47.67
C ALA B 293 49.44 -8.34 -46.99
N ARG B 294 49.88 -9.31 -46.19
CA ARG B 294 51.13 -9.20 -45.43
C ARG B 294 52.23 -10.00 -46.11
N LEU B 295 53.45 -9.48 -46.06
CA LEU B 295 54.61 -10.14 -46.68
C LEU B 295 54.76 -11.56 -46.18
N THR B 296 55.28 -12.44 -47.02
CA THR B 296 55.67 -13.77 -46.56
C THR B 296 56.94 -13.59 -45.72
N PRO B 297 57.27 -14.59 -44.88
CA PRO B 297 58.55 -14.52 -44.18
C PRO B 297 59.73 -14.40 -45.15
N LEU B 298 59.65 -15.12 -46.26
CA LEU B 298 60.70 -15.11 -47.27
C LEU B 298 60.76 -13.78 -48.03
N GLU B 299 59.61 -13.19 -48.34
CA GLU B 299 59.57 -11.85 -48.95
C GLU B 299 60.08 -10.77 -48.00
N ALA B 300 59.86 -10.96 -46.69
CA ALA B 300 60.39 -10.06 -45.67
C ALA B 300 61.92 -10.17 -45.53
N CYS B 301 62.46 -11.36 -45.78
CA CYS B 301 63.91 -11.53 -45.81
C CYS B 301 64.55 -10.82 -47.01
N ALA B 302 63.78 -10.65 -48.09
CA ALA B 302 64.24 -9.97 -49.30
C ALA B 302 64.02 -8.44 -49.26
N HIS B 303 63.41 -7.92 -48.20
CA HIS B 303 63.13 -6.48 -48.10
C HIS B 303 64.44 -5.70 -48.03
N SER B 304 64.41 -4.43 -48.44
CA SER B 304 65.63 -3.60 -48.49
C SER B 304 66.24 -3.39 -47.10
N PHE B 305 65.41 -3.21 -46.08
CA PHE B 305 65.87 -3.07 -44.70
C PHE B 305 67.02 -4.03 -44.33
N PHE B 306 67.03 -5.20 -44.95
CA PHE B 306 68.08 -6.20 -44.74
C PHE B 306 69.18 -6.22 -45.81
N ASP B 307 69.47 -5.07 -46.43
CA ASP B 307 70.51 -4.99 -47.47
C ASP B 307 71.92 -5.04 -46.89
N GLU B 308 72.12 -4.34 -45.77
CA GLU B 308 73.41 -4.28 -45.09
C GLU B 308 73.96 -5.66 -44.74
N LEU B 309 73.06 -6.59 -44.39
CA LEU B 309 73.47 -7.96 -44.08
C LEU B 309 73.93 -8.76 -45.31
N ARG B 310 73.83 -8.14 -46.48
CA ARG B 310 74.36 -8.71 -47.71
C ARG B 310 75.59 -7.93 -48.22
N ASP B 311 76.11 -7.04 -47.38
CA ASP B 311 77.34 -6.32 -47.69
C ASP B 311 78.51 -7.25 -47.39
N PRO B 312 79.44 -7.42 -48.35
CA PRO B 312 80.63 -8.28 -48.14
C PRO B 312 81.54 -7.88 -46.97
N ASN B 313 81.68 -6.57 -46.73
CA ASN B 313 82.62 -6.06 -45.73
C ASN B 313 81.97 -5.63 -44.39
N VAL B 314 80.73 -6.07 -44.15
CA VAL B 314 80.05 -5.83 -42.87
C VAL B 314 80.67 -6.68 -41.75
N LYS B 315 80.69 -6.13 -40.53
CA LYS B 315 81.12 -6.87 -39.35
C LYS B 315 80.24 -6.50 -38.16
N LEU B 316 80.34 -7.29 -37.09
CA LEU B 316 79.67 -6.96 -35.84
C LEU B 316 80.45 -5.86 -35.14
N PRO B 317 79.75 -5.02 -34.35
CA PRO B 317 80.38 -4.00 -33.49
C PRO B 317 81.58 -4.47 -32.67
N ASN B 318 81.62 -5.74 -32.29
CA ASN B 318 82.77 -6.30 -31.58
C ASN B 318 83.83 -6.91 -32.52
N GLY B 319 83.80 -6.51 -33.80
CA GLY B 319 84.79 -6.94 -34.77
C GLY B 319 84.57 -8.31 -35.39
N ARG B 320 83.75 -9.15 -34.77
CA ARG B 320 83.53 -10.52 -35.27
C ARG B 320 82.74 -10.57 -36.57
N ASP B 321 82.86 -11.71 -37.25
CA ASP B 321 82.13 -11.99 -38.46
C ASP B 321 80.66 -12.25 -38.13
N THR B 322 79.79 -12.08 -39.13
CA THR B 322 78.36 -12.37 -38.97
C THR B 322 78.14 -13.87 -39.03
N PRO B 323 77.08 -14.36 -38.37
CA PRO B 323 76.74 -15.79 -38.44
C PRO B 323 76.20 -16.18 -39.82
N ALA B 324 75.95 -17.47 -40.03
CA ALA B 324 75.47 -17.99 -41.32
C ALA B 324 74.16 -17.34 -41.73
N LEU B 325 74.09 -16.83 -42.96
CA LEU B 325 72.89 -16.14 -43.44
C LEU B 325 72.35 -16.63 -44.79
N PHE B 326 73.21 -17.23 -45.62
CA PHE B 326 72.85 -17.53 -47.01
C PHE B 326 73.09 -19.00 -47.34
N ASN B 327 72.74 -19.89 -46.44
CA ASN B 327 72.79 -21.33 -46.71
C ASN B 327 71.36 -21.88 -46.70
N PHE B 328 70.50 -21.22 -47.47
CA PHE B 328 69.10 -21.63 -47.63
C PHE B 328 69.06 -22.99 -48.30
N THR B 329 68.45 -23.96 -47.65
CA THR B 329 68.14 -25.25 -48.28
C THR B 329 66.98 -25.04 -49.28
N THR B 330 66.61 -26.09 -50.02
CA THR B 330 65.54 -25.96 -51.02
C THR B 330 64.16 -25.95 -50.35
N GLN B 331 63.96 -26.86 -49.39
CA GLN B 331 62.77 -26.85 -48.50
C GLN B 331 62.49 -25.44 -47.97
N GLU B 332 63.57 -24.70 -47.74
CA GLU B 332 63.51 -23.32 -47.27
C GLU B 332 62.99 -22.35 -48.34
N LEU B 333 63.37 -22.60 -49.60
CA LEU B 333 63.02 -21.72 -50.73
C LEU B 333 61.72 -22.12 -51.45
N SER B 334 61.15 -23.27 -51.09
CA SER B 334 60.04 -23.88 -51.84
C SER B 334 58.89 -22.94 -52.24
N SER B 335 58.54 -22.00 -51.37
CA SER B 335 57.39 -21.12 -51.64
C SER B 335 57.63 -20.17 -52.82
N ASN B 336 58.89 -19.78 -53.04
CA ASN B 336 59.22 -18.88 -54.13
C ASN B 336 60.72 -18.89 -54.49
N PRO B 337 61.18 -19.94 -55.20
CA PRO B 337 62.60 -20.15 -55.51
C PRO B 337 63.38 -18.96 -56.13
N PRO B 338 62.78 -18.23 -57.10
CA PRO B 338 63.49 -17.13 -57.76
C PRO B 338 64.01 -15.96 -56.88
N LEU B 339 63.91 -16.08 -55.56
CA LEU B 339 64.44 -15.04 -54.67
C LEU B 339 65.86 -15.31 -54.17
N ALA B 340 66.47 -16.41 -54.63
CA ALA B 340 67.90 -16.65 -54.40
C ALA B 340 68.73 -15.61 -55.13
N THR B 341 68.17 -15.08 -56.21
CA THR B 341 68.74 -13.95 -56.94
C THR B 341 69.21 -12.85 -55.99
N ILE B 342 68.35 -12.49 -55.04
CA ILE B 342 68.67 -11.46 -54.05
C ILE B 342 69.26 -12.06 -52.77
N LEU B 343 68.58 -13.06 -52.22
CA LEU B 343 68.97 -13.66 -50.94
C LEU B 343 70.44 -14.06 -50.88
N ILE B 344 70.84 -14.95 -51.79
CA ILE B 344 72.22 -15.42 -51.84
C ILE B 344 73.03 -14.49 -52.76
N PRO B 345 73.88 -13.63 -52.17
CA PRO B 345 74.64 -12.66 -52.96
C PRO B 345 75.91 -13.25 -53.63
N PRO B 346 76.47 -12.54 -54.63
CA PRO B 346 77.65 -12.99 -55.38
C PRO B 346 78.80 -13.56 -54.53
N HIS B 347 79.25 -12.82 -53.51
CA HIS B 347 80.41 -13.26 -52.71
C HIS B 347 80.11 -14.50 -51.86
N ALA B 348 78.84 -14.72 -51.55
CA ALA B 348 78.40 -15.96 -50.92
C ALA B 348 78.32 -17.05 -51.98
N ARG B 349 77.74 -16.72 -53.13
CA ARG B 349 77.75 -17.61 -54.30
C ARG B 349 79.18 -18.01 -54.65
N ILE B 350 80.10 -17.04 -54.61
CA ILE B 350 81.51 -17.25 -54.93
C ILE B 350 82.09 -18.46 -54.19
N GLN B 351 82.95 -19.19 -54.91
CA GLN B 351 83.59 -20.42 -54.43
C GLN B 351 85.09 -20.47 -54.72
N ALA B 352 85.50 -19.82 -55.82
CA ALA B 352 86.91 -19.74 -56.23
C ALA B 352 87.45 -21.08 -56.73
C1 BIM C . -67.27 20.35 23.69
C3 BIM C . -66.12 21.02 23.05
C4 BIM C . -67.87 22.41 23.34
C5 BIM C . -66.50 22.29 22.83
C6 BIM C . -65.83 23.49 22.22
C7 BIM C . -64.96 23.49 21.13
C8 BIM C . -65.97 24.83 22.55
N10 BIM C . -65.21 25.60 21.75
C11 BIM C . -64.87 20.27 22.77
C12 BIM C . -63.56 20.63 23.04
C15 BIM C . -63.48 18.70 22.05
C16 BIM C . -64.47 22.43 20.38
C17 BIM C . -63.58 22.68 19.35
C18 BIM C . -63.69 25.05 19.82
C19 BIM C . -63.21 23.99 19.07
C21 BIM C . -65.44 17.02 21.03
C23 BIM C . -64.11 16.66 20.94
O25 BIM C . -67.28 19.19 24.04
C27 BIM C . -60.59 20.90 22.11
C30 BIM C . -61.29 23.69 23.73
C32 BIM C . -61.66 25.00 23.57
C33 BIM C . -59.95 25.35 21.93
C34 BIM C . -61.02 25.86 22.68
C35 BIM C . -65.18 27.08 21.88
C36 BIM C . -63.88 27.90 21.71
C37 BIM C . -61.50 27.31 22.58
C38 BIM C . -62.98 27.64 22.91
C40 BIM C . -58.89 27.53 20.81
C13 BIM C . -64.81 19.05 22.14
C20 BIM C . -65.80 18.23 21.63
C22 BIM C . -63.11 17.49 21.45
N14 BIM C . -62.74 19.65 22.60
C26 BIM C . -61.27 19.65 22.71
C28 BIM C . -59.86 21.73 23.18
C29 BIM C . -60.24 23.18 23.01
N31 BIM C . -59.59 24.03 22.11
N39 BIM C . -59.16 26.08 20.98
C41 BIM C . -58.42 25.36 19.92
O24 BIM C . -68.52 23.43 23.32
N2 BIM C . -68.32 21.23 23.85
C9 BIM C . -64.59 24.79 20.86
C1 BIM D . 64.69 -24.18 -24.69
C3 BIM D . 64.21 -23.29 -23.62
C4 BIM D . 66.44 -23.59 -23.56
C5 BIM D . 65.31 -22.92 -22.91
C6 BIM D . 65.54 -22.03 -21.71
C7 BIM D . 64.70 -21.84 -20.62
C8 BIM D . 66.63 -21.20 -21.45
N10 BIM D . 66.46 -20.55 -20.28
C11 BIM D . 62.77 -22.94 -23.46
C12 BIM D . 62.20 -21.70 -23.29
C15 BIM D . 60.57 -23.16 -23.17
C16 BIM D . 63.48 -22.41 -20.32
C17 BIM D . 62.84 -22.04 -19.14
C18 BIM D . 64.68 -20.56 -18.58
C19 BIM D . 63.43 -21.12 -18.26
C21 BIM D . 60.51 -25.93 -23.32
C23 BIM D . 59.32 -25.21 -23.14
O25 BIM D . 63.99 -24.72 -25.53
C27 BIM D . 59.92 -20.29 -21.44
C30 BIM D . 62.18 -18.25 -21.99
C32 BIM D . 63.44 -17.74 -21.78
C33 BIM D . 62.79 -17.00 -19.60
C34 BIM D . 63.78 -17.10 -20.59
C35 BIM D . 67.42 -19.60 -19.69
C36 BIM D . 66.94 -18.16 -19.38
C37 BIM D . 65.19 -16.56 -20.45
C38 BIM D . 66.36 -17.55 -20.66
C40 BIM D . 63.44 -15.03 -17.99
C13 BIM D . 61.73 -23.85 -23.36
C20 BIM D . 61.72 -25.25 -23.44
C22 BIM D . 59.34 -23.82 -23.05
N14 BIM D . 60.87 -21.85 -23.13
C26 BIM D . 59.92 -20.74 -22.92
C28 BIM D . 59.84 -18.76 -21.28
C29 BIM D . 61.21 -18.17 -21.02
N31 BIM D . 61.53 -17.53 -19.82
N39 BIM D . 62.99 -16.38 -18.33
C41 BIM D . 62.75 -17.16 -17.10
O24 BIM D . 67.59 -23.49 -23.21
N2 BIM D . 66.06 -24.35 -24.62
C9 BIM D . 65.29 -20.94 -19.76
#